data_7PK5
#
_entry.id   7PK5
#
_cell.length_a   86.408
_cell.length_b   170.209
_cell.length_c   93.085
_cell.angle_alpha   90.000
_cell.angle_beta   94.370
_cell.angle_gamma   90.000
#
_symmetry.space_group_name_H-M   'P 1 21 1'
#
_entity_poly.entity_id   1
_entity_poly.type   'polypeptide(L)'
_entity_poly.pdbx_seq_one_letter_code
;MANSCDFRVFLQEFGTTVHLSLPGSVSEKERLLLKLLMQGMSVTEISQYRNRSAKTISHQKKQLFEKLGIQSDITFWRDI
FFQYNPEIISATGSNSHRYINDNHYHHIVTPEAISLALENHEFKPWIQPVFCAQTGVLTGCEVLVRWEHPQTGIIPPDQF
IPLAESSGLIVIMTRQLMKQTADILMPVKHLLPDNFHIGINVSAGCFLAAGFEKECLNLVNKLGNDKIKLVLELTERNPI
PVTPEARAIFDSLHQHNITFALDDFGTGYATYRYLQAFPVDFIKIDKSFVQMASVDEISGHIVDNIVELARKPGLSIVAE
GVETQEQADLMIGKGVHFLQGYLYSPPVPGNKFISEWVMKAGGHHHHHH
;
_entity_poly.pdbx_strand_id   A,D,B,C
#
# COMPACT_ATOMS: atom_id res chain seq x y z
N ILE A 108 15.90 15.79 1.29
CA ILE A 108 15.71 16.91 2.26
C ILE A 108 15.59 16.36 3.70
N VAL A 109 14.39 15.85 4.07
CA VAL A 109 14.15 15.04 5.28
C VAL A 109 14.00 13.52 5.01
N THR A 110 15.03 12.75 5.39
CA THR A 110 15.10 11.32 5.16
C THR A 110 15.31 10.55 6.48
N PRO A 111 15.12 9.22 6.46
CA PRO A 111 15.46 8.44 7.65
C PRO A 111 16.94 8.54 8.03
N GLU A 112 17.83 8.61 7.04
CA GLU A 112 19.23 8.74 7.35
C GLU A 112 19.54 10.09 7.96
N ALA A 113 18.88 11.14 7.50
CA ALA A 113 19.09 12.47 8.06
C ALA A 113 18.57 12.50 9.50
N ILE A 114 17.44 11.84 9.76
CA ILE A 114 16.95 11.69 11.13
C ILE A 114 17.92 10.90 12.04
N SER A 115 18.46 9.82 11.51
CA SER A 115 19.43 9.03 12.27
C SER A 115 20.64 9.91 12.63
N LEU A 116 21.18 10.59 11.62
CA LEU A 116 22.37 11.44 11.80
C LEU A 116 22.06 12.54 12.82
N ALA A 117 20.87 13.11 12.71
CA ALA A 117 20.44 14.17 13.61
C ALA A 117 20.33 13.65 15.05
N LEU A 118 19.92 12.40 15.24
CA LEU A 118 19.82 11.82 16.59
C LEU A 118 21.23 11.70 17.15
N GLU A 119 22.15 11.12 16.38
CA GLU A 119 23.55 11.00 16.82
C GLU A 119 24.19 12.36 17.13
N ASN A 120 23.85 13.39 16.35
CA ASN A 120 24.35 14.74 16.56
C ASN A 120 23.53 15.54 17.59
N HIS A 121 22.64 14.88 18.31
N HIS A 121 22.64 14.86 18.30
CA HIS A 121 21.82 15.51 19.34
CA HIS A 121 21.77 15.46 19.33
C HIS A 121 21.07 16.77 18.89
C HIS A 121 21.07 16.77 18.90
N GLU A 122 20.55 16.78 17.68
CA GLU A 122 19.85 17.95 17.14
C GLU A 122 18.37 18.03 17.56
N PHE A 123 17.87 16.95 18.17
CA PHE A 123 16.48 16.87 18.63
C PHE A 123 16.44 17.23 20.11
N LYS A 124 15.84 18.37 20.40
CA LYS A 124 15.84 18.88 21.80
C LYS A 124 14.50 18.77 22.50
N PRO A 125 14.49 18.42 23.84
CA PRO A 125 13.23 18.43 24.59
C PRO A 125 12.93 19.85 24.96
N TRP A 126 11.88 20.40 24.36
CA TRP A 126 11.26 21.64 24.80
C TRP A 126 10.09 21.23 25.69
N ILE A 127 9.71 22.10 26.61
CA ILE A 127 8.80 21.71 27.66
C ILE A 127 7.74 22.79 27.73
N GLN A 128 6.47 22.37 27.75
CA GLN A 128 5.37 23.33 27.85
C GLN A 128 4.69 23.14 29.18
N PRO A 129 4.57 24.21 29.97
CA PRO A 129 3.84 24.04 31.21
C PRO A 129 2.32 23.77 31.03
N VAL A 130 1.78 23.06 32.02
CA VAL A 130 0.36 22.80 32.19
C VAL A 130 -0.12 23.24 33.57
N PHE A 131 -1.33 23.77 33.61
CA PHE A 131 -1.85 24.44 34.78
C PHE A 131 -3.21 23.96 35.24
N CYS A 132 -3.48 24.13 36.52
CA CYS A 132 -4.79 23.88 37.11
C CYS A 132 -5.75 24.95 36.59
N ALA A 133 -6.88 24.51 36.04
CA ALA A 133 -7.84 25.42 35.42
C ALA A 133 -8.54 26.30 36.46
N GLN A 134 -8.87 25.69 37.60
CA GLN A 134 -9.46 26.37 38.77
C GLN A 134 -8.61 27.52 39.32
N THR A 135 -7.31 27.28 39.50
CA THR A 135 -6.45 28.20 40.26
C THR A 135 -5.34 28.90 39.50
N GLY A 136 -5.02 28.42 38.28
CA GLY A 136 -3.90 28.99 37.50
C GLY A 136 -2.51 28.46 37.87
N VAL A 137 -2.47 27.55 38.85
CA VAL A 137 -1.21 27.03 39.42
C VAL A 137 -0.56 25.98 38.53
N LEU A 138 0.77 25.96 38.52
CA LEU A 138 1.53 24.96 37.75
C LEU A 138 1.31 23.54 38.30
N THR A 139 0.86 22.63 37.44
CA THR A 139 0.59 21.25 37.86
C THR A 139 1.46 20.24 37.12
N GLY A 140 2.06 20.64 36.01
CA GLY A 140 2.82 19.70 35.21
C GLY A 140 3.37 20.31 33.93
N CYS A 141 3.76 19.43 33.01
CA CYS A 141 4.28 19.86 31.74
C CYS A 141 4.11 18.79 30.70
N GLU A 142 4.28 19.18 29.45
CA GLU A 142 4.40 18.25 28.35
C GLU A 142 5.78 18.43 27.74
N VAL A 143 6.40 17.31 27.42
CA VAL A 143 7.66 17.31 26.71
C VAL A 143 7.47 17.19 25.20
N LEU A 144 7.88 18.23 24.47
CA LEU A 144 7.82 18.27 23.03
C LEU A 144 9.20 18.33 22.43
N VAL A 145 9.28 17.89 21.20
CA VAL A 145 10.51 17.78 20.50
C VAL A 145 10.65 18.91 19.44
N ARG A 146 11.87 19.47 19.37
CA ARG A 146 12.20 20.47 18.35
C ARG A 146 13.47 20.06 17.64
N TRP A 147 13.45 20.06 16.30
CA TRP A 147 14.64 19.75 15.51
C TRP A 147 15.28 21.06 15.05
N GLU A 148 16.43 21.37 15.66
CA GLU A 148 17.24 22.54 15.28
C GLU A 148 18.35 22.10 14.36
N HIS A 149 18.16 22.32 13.06
CA HIS A 149 19.15 21.94 12.07
C HIS A 149 20.21 23.02 12.10
N PRO A 150 21.48 22.64 12.26
CA PRO A 150 22.50 23.64 12.53
C PRO A 150 22.60 24.86 11.57
N GLN A 151 22.37 24.68 10.26
CA GLN A 151 22.48 25.78 9.29
C GLN A 151 21.15 26.46 9.01
N THR A 152 20.17 25.64 8.69
CA THR A 152 18.94 26.05 8.09
C THR A 152 17.79 26.33 9.10
N GLY A 153 17.92 25.84 10.33
CA GLY A 153 17.01 26.20 11.41
C GLY A 153 15.97 25.15 11.72
N ILE A 154 14.77 25.59 12.07
CA ILE A 154 13.82 24.66 12.64
C ILE A 154 13.24 23.83 11.53
N ILE A 155 13.11 22.54 11.83
CA ILE A 155 12.26 21.66 11.06
C ILE A 155 11.18 21.23 12.02
N PRO A 156 9.94 21.61 11.71
CA PRO A 156 8.91 21.41 12.70
C PRO A 156 8.41 19.98 12.70
N PRO A 157 7.84 19.53 13.83
CA PRO A 157 7.36 18.16 14.00
C PRO A 157 6.57 17.62 12.82
N ASP A 158 5.72 18.44 12.21
CA ASP A 158 4.88 18.01 11.07
C ASP A 158 5.68 17.40 9.93
N GLN A 159 6.94 17.81 9.79
CA GLN A 159 7.81 17.35 8.67
C GLN A 159 8.68 16.16 8.97
N PHE A 160 8.83 15.80 10.24
CA PHE A 160 9.70 14.68 10.59
C PHE A 160 9.06 13.57 11.41
N ILE A 161 8.06 13.89 12.21
CA ILE A 161 7.45 12.90 13.09
C ILE A 161 6.91 11.73 12.27
N PRO A 162 6.15 12.01 11.20
CA PRO A 162 5.57 10.90 10.43
C PRO A 162 6.64 9.93 9.92
N LEU A 163 7.72 10.47 9.41
CA LEU A 163 8.80 9.66 8.92
C LEU A 163 9.60 8.98 10.05
N ALA A 164 9.70 9.65 11.19
CA ALA A 164 10.22 9.03 12.38
C ALA A 164 9.39 7.81 12.76
N GLU A 165 8.09 7.96 12.65
CA GLU A 165 7.15 6.91 13.00
C GLU A 165 7.20 5.71 12.02
N SER A 166 7.12 5.99 10.72
CA SER A 166 7.13 4.93 9.74
C SER A 166 8.49 4.23 9.68
N SER A 167 9.58 4.98 9.86
CA SER A 167 10.92 4.40 9.88
C SER A 167 11.23 3.62 11.16
N GLY A 168 10.49 3.93 12.22
CA GLY A 168 10.72 3.32 13.53
C GLY A 168 11.66 4.11 14.42
N LEU A 169 12.37 5.10 13.85
CA LEU A 169 13.34 5.90 14.60
C LEU A 169 12.73 6.65 15.77
N ILE A 170 11.40 6.82 15.74
CA ILE A 170 10.68 7.44 16.85
C ILE A 170 11.02 6.78 18.18
N VAL A 171 11.24 5.47 18.18
N VAL A 171 11.24 5.48 18.18
CA VAL A 171 11.53 4.77 19.43
CA VAL A 171 11.52 4.78 19.40
C VAL A 171 12.79 5.30 20.07
C VAL A 171 12.80 5.30 20.06
N ILE A 172 13.81 5.59 19.25
CA ILE A 172 15.07 6.09 19.74
C ILE A 172 14.85 7.52 20.26
N MET A 173 14.18 8.31 19.44
CA MET A 173 13.95 9.70 19.71
C MET A 173 13.21 9.86 21.05
N THR A 174 12.17 9.07 21.24
CA THR A 174 11.37 9.14 22.46
C THR A 174 12.19 8.69 23.66
N ARG A 175 12.97 7.64 23.49
CA ARG A 175 13.84 7.21 24.56
C ARG A 175 14.79 8.36 24.97
N GLN A 176 15.40 9.02 24.00
CA GLN A 176 16.36 10.09 24.29
C GLN A 176 15.69 11.24 24.98
N LEU A 177 14.50 11.57 24.52
CA LEU A 177 13.75 12.65 25.08
C LEU A 177 13.42 12.39 26.56
N MET A 178 13.05 11.16 26.86
CA MET A 178 12.73 10.77 28.23
C MET A 178 13.93 10.86 29.13
N LYS A 179 15.05 10.38 28.63
CA LYS A 179 16.31 10.46 29.34
C LYS A 179 16.68 11.94 29.60
N GLN A 180 16.62 12.76 28.57
CA GLN A 180 17.01 14.16 28.69
C GLN A 180 16.09 14.96 29.60
N THR A 181 14.85 14.54 29.72
CA THR A 181 13.89 15.21 30.58
C THR A 181 14.20 14.95 32.03
N ALA A 182 14.56 13.72 32.33
CA ALA A 182 15.08 13.36 33.65
C ALA A 182 16.30 14.20 34.02
N ASP A 183 17.26 14.31 33.10
CA ASP A 183 18.46 15.14 33.36
C ASP A 183 18.10 16.59 33.63
N ILE A 184 17.15 17.13 32.87
CA ILE A 184 16.77 18.54 33.00
C ILE A 184 16.10 18.82 34.32
N LEU A 185 15.21 17.94 34.74
CA LEU A 185 14.39 18.19 35.94
C LEU A 185 15.00 17.65 37.24
N MET A 186 16.00 16.77 37.16
CA MET A 186 16.57 16.18 38.37
C MET A 186 17.12 17.22 39.36
N PRO A 187 17.89 18.20 38.88
CA PRO A 187 18.47 19.19 39.80
C PRO A 187 17.44 20.00 40.53
N VAL A 188 16.25 20.09 39.99
CA VAL A 188 15.21 20.93 40.59
C VAL A 188 14.01 20.15 41.09
N LYS A 189 14.10 18.82 41.14
CA LYS A 189 12.95 18.00 41.50
C LYS A 189 12.36 18.30 42.87
N HIS A 190 13.22 18.69 43.81
CA HIS A 190 12.75 19.08 45.15
C HIS A 190 11.91 20.38 45.11
N LEU A 191 12.05 21.16 44.04
CA LEU A 191 11.27 22.40 43.87
C LEU A 191 9.96 22.21 43.15
N LEU A 192 9.73 21.02 42.61
CA LEU A 192 8.49 20.78 41.86
C LEU A 192 7.34 20.62 42.81
N PRO A 193 6.16 21.13 42.42
CA PRO A 193 4.99 20.82 43.22
C PRO A 193 4.78 19.32 43.36
N ASP A 194 4.04 18.94 44.39
CA ASP A 194 3.67 17.56 44.61
C ASP A 194 2.80 17.12 43.46
N ASN A 195 2.92 15.84 43.08
CA ASN A 195 2.12 15.27 42.03
C ASN A 195 2.29 16.03 40.69
N PHE A 196 3.55 16.33 40.38
CA PHE A 196 3.89 17.09 39.19
C PHE A 196 3.83 16.19 37.98
N HIS A 197 3.01 16.57 37.00
CA HIS A 197 2.75 15.69 35.86
C HIS A 197 3.73 15.91 34.74
N ILE A 198 4.21 14.81 34.17
CA ILE A 198 5.12 14.88 33.03
C ILE A 198 4.50 14.10 31.92
N GLY A 199 4.15 14.84 30.89
CA GLY A 199 3.55 14.29 29.72
C GLY A 199 4.56 13.98 28.65
N ILE A 200 4.58 12.71 28.25
CA ILE A 200 5.38 12.23 27.16
C ILE A 200 4.47 11.63 26.03
N ASN A 201 4.70 12.09 24.78
CA ASN A 201 3.96 11.59 23.64
C ASN A 201 4.46 10.22 23.21
N VAL A 202 3.56 9.23 23.21
CA VAL A 202 3.87 7.83 22.92
C VAL A 202 3.04 7.23 21.80
N SER A 203 3.69 6.72 20.76
CA SER A 203 2.99 6.01 19.69
C SER A 203 2.96 4.53 19.99
N ALA A 204 2.17 3.78 19.22
CA ALA A 204 2.04 2.31 19.38
C ALA A 204 3.38 1.63 19.26
N GLY A 205 4.14 2.05 18.26
CA GLY A 205 5.51 1.54 18.06
C GLY A 205 6.36 1.64 19.29
N CYS A 206 6.35 2.78 19.99
CA CYS A 206 7.19 2.96 21.21
C CYS A 206 6.63 2.09 22.32
N PHE A 207 5.31 2.12 22.47
CA PHE A 207 4.60 1.41 23.53
C PHE A 207 4.85 -0.10 23.45
N LEU A 208 4.98 -0.63 22.25
CA LEU A 208 5.17 -2.08 22.05
C LEU A 208 6.61 -2.53 21.91
N ALA A 209 7.53 -1.58 21.85
CA ALA A 209 8.93 -1.91 21.68
C ALA A 209 9.51 -2.53 22.94
N ALA A 210 10.39 -3.51 22.72
CA ALA A 210 11.19 -4.05 23.81
C ALA A 210 11.89 -2.94 24.61
N GLY A 211 11.78 -3.00 25.94
CA GLY A 211 12.46 -2.05 26.81
C GLY A 211 11.68 -0.81 27.18
N PHE A 212 10.44 -0.67 26.68
CA PHE A 212 9.71 0.55 26.95
C PHE A 212 9.40 0.75 28.45
N GLU A 213 8.85 -0.27 29.08
CA GLU A 213 8.51 -0.15 30.49
C GLU A 213 9.71 0.25 31.31
N LYS A 214 10.86 -0.31 30.98
CA LYS A 214 12.08 -0.01 31.72
C LYS A 214 12.45 1.46 31.63
N GLU A 215 12.33 2.04 30.43
CA GLU A 215 12.64 3.45 30.23
C GLU A 215 11.71 4.33 31.06
N CYS A 216 10.44 3.92 31.22
CA CYS A 216 9.48 4.72 31.99
C CYS A 216 9.85 4.70 33.48
N LEU A 217 10.23 3.52 33.97
CA LEU A 217 10.68 3.37 35.35
C LEU A 217 11.93 4.16 35.67
N ASN A 218 12.90 4.12 34.76
CA ASN A 218 14.11 4.89 34.95
C ASN A 218 13.80 6.37 35.14
N LEU A 219 12.86 6.89 34.37
CA LEU A 219 12.48 8.29 34.49
C LEU A 219 11.86 8.57 35.86
N VAL A 220 11.00 7.68 36.29
CA VAL A 220 10.25 7.90 37.51
C VAL A 220 11.15 7.72 38.74
N ASN A 221 12.01 6.73 38.69
CA ASN A 221 12.92 6.49 39.80
C ASN A 221 13.91 7.63 39.97
N LYS A 222 14.46 8.13 38.88
CA LYS A 222 15.37 9.28 38.95
C LYS A 222 14.72 10.51 39.56
N LEU A 223 13.43 10.68 39.35
CA LEU A 223 12.78 11.93 39.74
C LEU A 223 11.97 11.83 41.04
N GLY A 224 11.74 10.61 41.52
CA GLY A 224 10.96 10.43 42.73
C GLY A 224 9.65 9.75 42.45
N ASN A 225 9.62 8.45 42.70
CA ASN A 225 8.43 7.61 42.58
C ASN A 225 7.09 8.26 42.96
N ASP A 226 7.13 9.13 43.98
CA ASP A 226 5.92 9.70 44.59
C ASP A 226 5.80 11.22 44.46
N LYS A 227 6.90 11.91 44.13
CA LYS A 227 6.83 13.34 43.79
C LYS A 227 6.16 13.56 42.43
N ILE A 228 6.49 12.72 41.43
CA ILE A 228 6.00 12.96 40.07
C ILE A 228 5.05 11.90 39.56
N LYS A 229 4.29 12.31 38.56
CA LYS A 229 3.38 11.43 37.89
C LYS A 229 3.71 11.49 36.40
N LEU A 230 4.15 10.34 35.88
CA LEU A 230 4.41 10.19 34.47
C LEU A 230 3.08 9.92 33.75
N VAL A 231 2.81 10.71 32.72
CA VAL A 231 1.63 10.58 31.88
C VAL A 231 2.03 10.28 30.47
N LEU A 232 1.75 9.05 30.05
CA LEU A 232 2.00 8.65 28.68
C LEU A 232 0.83 9.09 27.81
N GLU A 233 1.11 10.08 26.94
CA GLU A 233 0.12 10.67 26.10
C GLU A 233 0.03 9.89 24.78
N LEU A 234 -0.96 8.99 24.70
CA LEU A 234 -1.08 8.07 23.56
C LEU A 234 -1.57 8.85 22.37
N THR A 235 -0.88 8.73 21.24
CA THR A 235 -1.19 9.49 20.05
C THR A 235 -2.43 8.97 19.34
N GLU A 236 -3.04 9.86 18.58
CA GLU A 236 -4.22 9.56 17.81
C GLU A 236 -3.91 8.94 16.44
N ARG A 237 -2.68 9.06 15.95
CA ARG A 237 -2.35 8.65 14.57
C ARG A 237 -2.06 7.17 14.53
N ASN A 238 -1.40 6.68 15.57
CA ASN A 238 -0.84 5.34 15.54
C ASN A 238 -1.30 4.67 16.81
N PRO A 239 -2.58 4.34 16.86
CA PRO A 239 -3.20 3.84 18.05
C PRO A 239 -2.64 2.50 18.52
N ILE A 240 -2.67 2.26 19.82
CA ILE A 240 -2.25 0.99 20.37
C ILE A 240 -3.24 -0.07 19.92
N PRO A 241 -2.76 -1.25 19.53
CA PRO A 241 -3.73 -2.24 19.08
C PRO A 241 -4.50 -2.77 20.27
N VAL A 242 -5.73 -3.21 20.01
CA VAL A 242 -6.62 -3.64 21.06
C VAL A 242 -6.43 -5.12 21.26
N THR A 243 -5.34 -5.52 21.91
CA THR A 243 -4.99 -6.94 22.05
C THR A 243 -4.65 -7.24 23.49
N PRO A 244 -4.71 -8.53 23.87
CA PRO A 244 -4.30 -8.93 25.21
C PRO A 244 -2.90 -8.47 25.59
N GLU A 245 -1.95 -8.57 24.65
CA GLU A 245 -0.56 -8.24 24.92
C GLU A 245 -0.36 -6.75 25.19
N ALA A 246 -1.08 -5.92 24.44
CA ALA A 246 -1.08 -4.47 24.64
C ALA A 246 -1.66 -4.11 26.00
N ARG A 247 -2.71 -4.82 26.38
CA ARG A 247 -3.39 -4.57 27.62
C ARG A 247 -2.52 -5.01 28.81
N ALA A 248 -1.73 -6.07 28.62
CA ALA A 248 -0.80 -6.52 29.62
C ALA A 248 0.28 -5.47 29.92
N ILE A 249 0.80 -4.86 28.87
CA ILE A 249 1.81 -3.81 29.00
C ILE A 249 1.20 -2.59 29.70
N PHE A 250 -0.01 -2.25 29.28
CA PHE A 250 -0.77 -1.17 29.87
C PHE A 250 -1.00 -1.40 31.36
N ASP A 251 -1.41 -2.61 31.74
CA ASP A 251 -1.70 -2.92 33.14
C ASP A 251 -0.45 -2.93 33.98
N SER A 252 0.61 -3.51 33.42
CA SER A 252 1.90 -3.54 34.07
C SER A 252 2.35 -2.11 34.44
N LEU A 253 2.34 -1.20 33.47
CA LEU A 253 2.70 0.19 33.70
C LEU A 253 1.83 0.84 34.79
N HIS A 254 0.52 0.59 34.73
CA HIS A 254 -0.41 1.07 35.78
C HIS A 254 -0.04 0.60 37.17
N GLN A 255 0.35 -0.68 37.29
CA GLN A 255 0.76 -1.22 38.59
C GLN A 255 1.98 -0.50 39.14
N HIS A 256 2.80 0.05 38.24
CA HIS A 256 3.96 0.86 38.60
C HIS A 256 3.62 2.37 38.74
N ASN A 257 2.34 2.72 38.83
CA ASN A 257 1.87 4.12 39.08
C ASN A 257 2.13 5.12 37.95
N ILE A 258 2.36 4.59 36.76
CA ILE A 258 2.41 5.36 35.54
C ILE A 258 1.01 5.47 34.98
N THR A 259 0.69 6.62 34.41
CA THR A 259 -0.66 6.90 33.97
C THR A 259 -0.72 7.18 32.47
N PHE A 260 -1.95 7.22 31.95
CA PHE A 260 -2.15 7.34 30.51
C PHE A 260 -3.13 8.47 30.17
N ALA A 261 -2.90 9.09 29.02
CA ALA A 261 -3.81 10.07 28.46
C ALA A 261 -4.16 9.67 27.06
N LEU A 262 -5.38 9.93 26.65
CA LEU A 262 -5.69 9.86 25.24
C LEU A 262 -5.45 11.27 24.74
N ASP A 263 -4.43 11.40 23.91
CA ASP A 263 -4.08 12.69 23.35
C ASP A 263 -4.92 13.04 22.13
N ASP A 264 -5.08 14.34 21.90
CA ASP A 264 -5.82 14.89 20.76
C ASP A 264 -7.15 14.17 20.58
N PHE A 265 -7.84 13.98 21.71
CA PHE A 265 -9.05 13.21 21.73
C PHE A 265 -10.07 13.87 20.81
N GLY A 266 -10.83 13.02 20.09
CA GLY A 266 -11.78 13.49 19.12
C GLY A 266 -11.27 13.59 17.70
N THR A 267 -9.99 13.22 17.48
CA THR A 267 -9.38 13.26 16.15
C THR A 267 -8.61 11.96 15.94
N GLY A 268 -8.28 11.68 14.69
CA GLY A 268 -7.59 10.45 14.32
C GLY A 268 -8.38 9.25 14.76
N TYR A 269 -7.71 8.35 15.48
CA TYR A 269 -8.30 7.12 16.00
C TYR A 269 -8.69 7.28 17.49
N ALA A 270 -8.65 8.51 17.99
CA ALA A 270 -8.98 8.76 19.39
C ALA A 270 -10.48 8.77 19.58
N THR A 271 -11.00 7.55 19.67
CA THR A 271 -12.44 7.27 19.73
C THR A 271 -12.88 6.72 21.08
N TYR A 272 -14.20 6.60 21.25
CA TYR A 272 -14.79 5.97 22.42
C TYR A 272 -14.20 4.61 22.64
N ARG A 273 -13.91 3.88 21.58
CA ARG A 273 -13.36 2.52 21.69
C ARG A 273 -12.08 2.48 22.52
N TYR A 274 -11.21 3.46 22.36
CA TYR A 274 -9.96 3.47 23.15
C TYR A 274 -10.20 3.63 24.64
N LEU A 275 -11.21 4.41 24.97
CA LEU A 275 -11.62 4.53 26.34
C LEU A 275 -12.22 3.23 26.89
N GLN A 276 -12.95 2.51 26.04
CA GLN A 276 -13.51 1.24 26.41
C GLN A 276 -12.42 0.15 26.59
N ALA A 277 -11.44 0.14 25.71
CA ALA A 277 -10.42 -0.93 25.76
C ALA A 277 -9.36 -0.69 26.86
N PHE A 278 -9.07 0.58 27.12
CA PHE A 278 -8.00 0.96 28.04
C PHE A 278 -8.51 1.98 29.05
N PRO A 279 -8.55 1.59 30.32
CA PRO A 279 -9.01 2.56 31.31
C PRO A 279 -7.90 3.61 31.58
N VAL A 280 -7.89 4.67 30.77
CA VAL A 280 -6.91 5.71 30.89
C VAL A 280 -7.26 6.65 32.03
N ASP A 281 -6.34 7.56 32.34
CA ASP A 281 -6.50 8.47 33.46
C ASP A 281 -6.81 9.91 33.05
N PHE A 282 -6.44 10.28 31.82
CA PHE A 282 -6.64 11.64 31.32
C PHE A 282 -7.15 11.61 29.90
N ILE A 283 -7.89 12.67 29.54
CA ILE A 283 -8.24 12.93 28.16
C ILE A 283 -7.75 14.35 27.88
N LYS A 284 -6.98 14.52 26.81
CA LYS A 284 -6.58 15.84 26.34
C LYS A 284 -7.41 16.20 25.13
N ILE A 285 -8.13 17.30 25.23
CA ILE A 285 -9.03 17.71 24.17
C ILE A 285 -8.25 18.33 23.05
N ASP A 286 -8.42 17.84 21.83
CA ASP A 286 -7.73 18.43 20.70
C ASP A 286 -8.00 19.92 20.59
N LYS A 287 -6.98 20.65 20.20
CA LYS A 287 -7.11 22.10 20.07
C LYS A 287 -8.21 22.56 19.06
N SER A 288 -8.51 21.74 18.07
CA SER A 288 -9.52 22.08 17.09
C SER A 288 -10.92 22.29 17.72
N PHE A 289 -11.20 21.61 18.84
CA PHE A 289 -12.43 21.85 19.58
C PHE A 289 -12.30 23.02 20.54
N VAL A 290 -11.15 23.14 21.20
CA VAL A 290 -10.91 24.23 22.15
C VAL A 290 -11.04 25.57 21.46
N GLN A 291 -10.43 25.68 20.29
CA GLN A 291 -10.34 26.94 19.58
C GLN A 291 -11.56 27.26 18.76
N MET A 292 -12.39 26.28 18.48
CA MET A 292 -13.62 26.49 17.72
C MET A 292 -14.84 26.59 18.59
N ALA A 293 -14.71 26.28 19.87
CA ALA A 293 -15.85 26.32 20.76
C ALA A 293 -16.32 27.79 20.84
N SER A 294 -17.51 28.17 20.33
CA SER A 294 -17.95 29.61 20.26
C SER A 294 -17.51 30.39 18.98
N VAL A 295 -16.92 29.69 18.03
CA VAL A 295 -16.91 30.15 16.64
C VAL A 295 -18.06 29.40 15.94
N ASP A 296 -18.12 28.08 16.08
CA ASP A 296 -19.14 27.26 15.38
C ASP A 296 -20.31 26.84 16.27
N GLU A 297 -21.13 25.89 15.78
CA GLU A 297 -22.35 25.40 16.42
C GLU A 297 -22.22 24.10 17.23
N ILE A 298 -21.12 23.34 17.10
CA ILE A 298 -21.00 22.03 17.81
C ILE A 298 -19.76 21.88 18.65
N SER A 299 -18.73 22.63 18.37
CA SER A 299 -17.47 22.44 19.06
C SER A 299 -17.64 22.58 20.59
N GLY A 300 -18.38 23.59 21.01
CA GLY A 300 -18.65 23.80 22.43
C GLY A 300 -19.36 22.60 23.02
N HIS A 301 -20.35 22.10 22.27
CA HIS A 301 -21.12 20.92 22.64
C HIS A 301 -20.27 19.67 22.77
N ILE A 302 -19.31 19.53 21.87
CA ILE A 302 -18.31 18.45 21.92
C ILE A 302 -17.46 18.52 23.21
N VAL A 303 -17.02 19.71 23.59
CA VAL A 303 -16.26 19.83 24.84
C VAL A 303 -17.14 19.41 26.02
N ASP A 304 -18.38 19.85 26.04
CA ASP A 304 -19.32 19.43 27.10
C ASP A 304 -19.41 17.93 27.14
N ASN A 305 -19.44 17.33 25.96
CA ASN A 305 -19.54 15.91 25.85
C ASN A 305 -18.33 15.18 26.41
N ILE A 306 -17.15 15.73 26.17
CA ILE A 306 -15.91 15.17 26.70
C ILE A 306 -15.85 15.32 28.20
N VAL A 307 -16.32 16.45 28.70
CA VAL A 307 -16.45 16.62 30.14
C VAL A 307 -17.40 15.59 30.75
N GLU A 308 -18.54 15.34 30.12
CA GLU A 308 -19.52 14.36 30.68
C GLU A 308 -18.92 12.95 30.58
N LEU A 309 -18.21 12.69 29.50
CA LEU A 309 -17.57 11.39 29.27
C LEU A 309 -16.63 11.03 30.41
N ALA A 310 -15.85 12.00 30.85
CA ALA A 310 -14.82 11.76 31.81
C ALA A 310 -15.36 11.55 33.20
N ARG A 311 -16.52 12.15 33.46
CA ARG A 311 -17.00 12.25 34.82
C ARG A 311 -17.27 10.91 35.48
N LYS A 312 -17.89 9.97 34.76
CA LYS A 312 -18.27 8.70 35.38
C LYS A 312 -17.05 7.90 35.83
N PRO A 313 -16.13 7.56 34.90
CA PRO A 313 -14.92 6.88 35.37
C PRO A 313 -13.94 7.77 36.17
N GLY A 314 -14.20 9.08 36.26
CA GLY A 314 -13.37 9.96 37.10
C GLY A 314 -12.03 10.36 36.48
N LEU A 315 -12.00 10.55 35.17
CA LEU A 315 -10.81 10.99 34.46
C LEU A 315 -10.65 12.49 34.55
N SER A 316 -9.43 12.95 34.36
CA SER A 316 -9.17 14.37 34.30
C SER A 316 -9.00 14.82 32.85
N ILE A 317 -9.40 16.05 32.57
CA ILE A 317 -9.33 16.61 31.24
C ILE A 317 -8.33 17.75 31.16
N VAL A 318 -7.55 17.76 30.09
CA VAL A 318 -6.78 18.95 29.77
C VAL A 318 -7.17 19.54 28.42
N ALA A 319 -7.43 20.83 28.40
CA ALA A 319 -7.68 21.55 27.16
C ALA A 319 -6.34 21.96 26.55
N GLU A 320 -6.08 21.51 25.33
CA GLU A 320 -4.85 21.87 24.58
C GLU A 320 -5.10 23.09 23.73
N GLY A 321 -4.02 23.77 23.34
CA GLY A 321 -4.13 24.88 22.41
C GLY A 321 -4.92 26.06 22.95
N VAL A 322 -4.94 26.25 24.25
CA VAL A 322 -5.57 27.44 24.82
C VAL A 322 -4.76 28.69 24.43
N GLU A 323 -5.34 29.52 23.56
CA GLU A 323 -4.63 30.64 22.96
C GLU A 323 -5.09 32.00 23.42
N THR A 324 -6.35 32.11 23.84
CA THR A 324 -6.90 33.39 24.25
C THR A 324 -7.57 33.26 25.60
N GLN A 325 -7.77 34.38 26.28
CA GLN A 325 -8.42 34.35 27.58
C GLN A 325 -9.86 33.87 27.48
N GLU A 326 -10.55 34.20 26.40
CA GLU A 326 -11.95 33.78 26.27
C GLU A 326 -12.05 32.25 26.09
N GLN A 327 -11.11 31.67 25.35
CA GLN A 327 -11.01 30.22 25.24
C GLN A 327 -10.79 29.59 26.60
N ALA A 328 -9.93 30.17 27.42
CA ALA A 328 -9.67 29.62 28.73
C ALA A 328 -10.90 29.68 29.61
N ASP A 329 -11.52 30.86 29.67
CA ASP A 329 -12.68 31.06 30.53
C ASP A 329 -13.74 30.05 30.15
N LEU A 330 -13.90 29.87 28.86
CA LEU A 330 -14.88 28.94 28.33
C LEU A 330 -14.58 27.50 28.78
N MET A 331 -13.31 27.09 28.68
CA MET A 331 -12.90 25.76 29.11
C MET A 331 -13.05 25.56 30.62
N ILE A 332 -12.66 26.58 31.37
CA ILE A 332 -12.80 26.55 32.82
C ILE A 332 -14.28 26.39 33.21
N GLY A 333 -15.12 27.24 32.62
CA GLY A 333 -16.56 27.20 32.89
C GLY A 333 -17.17 25.84 32.63
N LYS A 334 -16.69 25.16 31.59
CA LYS A 334 -17.23 23.85 31.20
C LYS A 334 -16.72 22.66 32.04
N GLY A 335 -15.85 22.92 33.03
CA GLY A 335 -15.41 21.88 33.98
C GLY A 335 -14.14 21.16 33.60
N VAL A 336 -13.35 21.77 32.74
CA VAL A 336 -12.06 21.20 32.37
C VAL A 336 -11.09 21.37 33.55
N HIS A 337 -10.22 20.39 33.79
CA HIS A 337 -9.38 20.34 34.98
C HIS A 337 -8.02 21.03 34.80
N PHE A 338 -7.42 20.88 33.62
CA PHE A 338 -6.10 21.42 33.35
C PHE A 338 -6.12 22.20 32.04
N LEU A 339 -5.19 23.16 31.91
CA LEU A 339 -5.09 24.00 30.73
C LEU A 339 -3.69 24.06 30.23
N GLN A 340 -3.56 24.19 28.92
CA GLN A 340 -2.26 24.17 28.28
C GLN A 340 -2.39 24.98 26.99
N GLY A 341 -1.39 25.80 26.70
CA GLY A 341 -1.39 26.59 25.46
C GLY A 341 -0.60 27.89 25.49
N TYR A 342 -0.54 28.52 24.32
CA TYR A 342 0.24 29.73 24.07
C TYR A 342 -0.17 30.93 24.89
N LEU A 343 -1.39 30.91 25.39
CA LEU A 343 -1.82 31.97 26.29
C LEU A 343 -0.93 32.05 27.53
N TYR A 344 -0.48 30.90 28.02
CA TYR A 344 0.33 30.86 29.22
C TYR A 344 1.78 30.83 28.80
N SER A 345 2.10 29.85 27.97
CA SER A 345 3.41 29.76 27.42
C SER A 345 3.45 28.75 26.32
N PRO A 346 4.20 29.07 25.26
CA PRO A 346 4.54 28.03 24.33
C PRO A 346 5.53 27.08 24.96
N PRO A 347 5.84 26.00 24.24
CA PRO A 347 6.91 25.17 24.71
C PRO A 347 8.21 26.01 24.75
N VAL A 348 9.10 25.72 25.70
CA VAL A 348 10.38 26.47 25.80
C VAL A 348 11.53 25.50 26.09
N PRO A 349 12.76 25.88 25.73
CA PRO A 349 13.89 25.06 26.14
C PRO A 349 13.89 24.77 27.63
N GLY A 350 14.44 23.62 27.99
CA GLY A 350 14.44 23.16 29.39
C GLY A 350 14.95 24.15 30.39
N ASN A 351 16.10 24.73 30.11
CA ASN A 351 16.68 25.70 31.03
C ASN A 351 15.71 26.84 31.27
N LYS A 352 15.05 27.29 30.21
CA LYS A 352 14.07 28.36 30.34
C LYS A 352 12.79 27.88 31.04
N PHE A 353 12.43 26.62 30.86
CA PHE A 353 11.31 26.08 31.60
C PHE A 353 11.62 26.15 33.10
N ILE A 354 12.81 25.69 33.46
CA ILE A 354 13.19 25.68 34.86
C ILE A 354 13.23 27.10 35.42
N SER A 355 13.91 27.99 34.70
CA SER A 355 14.05 29.36 35.11
C SER A 355 12.72 30.13 35.21
N GLU A 356 11.82 29.92 34.28
CA GLU A 356 10.54 30.64 34.29
C GLU A 356 9.49 30.03 35.19
N TRP A 357 9.35 28.70 35.17
CA TRP A 357 8.21 28.06 35.82
C TRP A 357 8.52 27.27 37.08
N VAL A 358 9.76 26.83 37.27
CA VAL A 358 10.13 26.09 38.49
C VAL A 358 10.83 26.97 39.51
N MET A 359 11.99 27.50 39.12
CA MET A 359 12.94 28.25 40.00
C MET A 359 12.51 29.73 40.06
N LYS A 360 11.26 29.98 40.48
CA LYS A 360 10.52 31.28 40.35
C LYS A 360 9.25 31.12 39.50
N ILE B 108 6.62 -8.34 16.26
CA ILE B 108 7.76 -9.29 16.13
C ILE B 108 8.96 -8.61 15.44
N VAL B 109 8.93 -8.49 14.09
CA VAL B 109 9.83 -7.63 13.29
C VAL B 109 9.19 -6.30 12.81
N THR B 110 9.61 -5.20 13.42
CA THR B 110 9.08 -3.87 13.15
C THR B 110 10.20 -2.90 12.74
N PRO B 111 9.83 -1.71 12.21
CA PRO B 111 10.86 -0.71 11.94
C PRO B 111 11.57 -0.25 13.22
N GLU B 112 10.86 -0.16 14.34
CA GLU B 112 11.49 0.23 15.57
C GLU B 112 12.46 -0.84 16.06
N ALA B 113 12.11 -2.10 15.88
CA ALA B 113 13.00 -3.19 16.28
C ALA B 113 14.25 -3.18 15.40
N ILE B 114 14.08 -2.89 14.10
CA ILE B 114 15.24 -2.73 13.22
C ILE B 114 16.13 -1.54 13.61
N SER B 115 15.51 -0.42 13.97
CA SER B 115 16.26 0.75 14.42
C SER B 115 17.08 0.38 15.65
N LEU B 116 16.41 -0.21 16.63
CA LEU B 116 17.05 -0.59 17.91
C LEU B 116 18.18 -1.55 17.64
N ALA B 117 17.94 -2.51 16.75
CA ALA B 117 18.95 -3.50 16.39
C ALA B 117 20.17 -2.85 15.73
N LEU B 118 19.97 -1.79 14.96
CA LEU B 118 21.07 -1.09 14.31
C LEU B 118 21.90 -0.42 15.40
N GLU B 119 21.25 0.30 16.29
CA GLU B 119 21.96 0.95 17.42
C GLU B 119 22.72 -0.05 18.30
N ASN B 120 22.14 -1.23 18.50
CA ASN B 120 22.76 -2.30 19.28
C ASN B 120 23.74 -3.18 18.46
N HIS B 121 24.05 -2.75 17.24
N HIS B 121 24.05 -2.74 17.24
CA HIS B 121 24.99 -3.45 16.38
CA HIS B 121 24.96 -3.43 16.32
C HIS B 121 24.69 -4.94 16.18
C HIS B 121 24.69 -4.94 16.17
N GLU B 122 23.42 -5.30 16.05
CA GLU B 122 23.02 -6.71 15.89
C GLU B 122 23.10 -7.20 14.45
N PHE B 123 23.31 -6.28 13.51
CA PHE B 123 23.42 -6.61 12.08
C PHE B 123 24.89 -6.74 11.72
N LYS B 124 25.30 -7.96 11.41
CA LYS B 124 26.72 -8.23 11.15
C LYS B 124 27.06 -8.47 9.69
N PRO B 125 28.25 -7.95 9.19
CA PRO B 125 28.67 -8.26 7.82
C PRO B 125 29.27 -9.64 7.84
N TRP B 126 28.61 -10.59 7.21
CA TRP B 126 29.17 -11.88 6.87
C TRP B 126 29.64 -11.77 5.42
N ILE B 127 30.62 -12.56 5.05
CA ILE B 127 31.32 -12.35 3.81
C ILE B 127 31.40 -13.69 3.12
N GLN B 128 31.03 -13.73 1.84
CA GLN B 128 31.10 -14.97 1.08
C GLN B 128 32.16 -14.83 0.01
N PRO B 129 33.12 -15.75 -0.02
CA PRO B 129 34.08 -15.64 -1.09
C PRO B 129 33.51 -15.94 -2.51
N VAL B 130 34.16 -15.31 -3.48
CA VAL B 130 33.93 -15.51 -4.91
C VAL B 130 35.22 -15.88 -5.63
N PHE B 131 35.10 -16.77 -6.61
CA PHE B 131 36.26 -17.41 -7.23
C PHE B 131 36.27 -17.34 -8.74
N CYS B 132 37.46 -17.40 -9.30
CA CYS B 132 37.66 -17.52 -10.75
C CYS B 132 37.20 -18.90 -11.17
N ALA B 133 36.33 -18.96 -12.16
CA ALA B 133 35.72 -20.22 -12.61
C ALA B 133 36.76 -21.12 -13.30
N GLN B 134 37.63 -20.49 -14.11
CA GLN B 134 38.74 -21.16 -14.80
C GLN B 134 39.72 -21.85 -13.84
N THR B 135 40.14 -21.18 -12.78
CA THR B 135 41.27 -21.63 -11.95
C THR B 135 40.95 -22.03 -10.52
N GLY B 136 39.77 -21.66 -10.02
CA GLY B 136 39.42 -21.93 -8.60
C GLY B 136 39.96 -20.91 -7.60
N VAL B 137 40.69 -19.90 -8.09
CA VAL B 137 41.39 -18.92 -7.25
C VAL B 137 40.45 -17.85 -6.69
N LEU B 138 40.73 -17.40 -5.47
CA LEU B 138 39.96 -16.32 -4.84
C LEU B 138 40.10 -14.98 -5.60
N THR B 139 38.98 -14.41 -6.03
CA THR B 139 39.00 -13.16 -6.78
C THR B 139 38.25 -12.03 -6.06
N GLY B 140 37.44 -12.37 -5.08
CA GLY B 140 36.64 -11.37 -4.40
C GLY B 140 35.69 -11.93 -3.37
N CYS B 141 34.71 -11.12 -3.00
CA CYS B 141 33.73 -11.53 -2.02
C CYS B 141 32.46 -10.75 -2.19
N GLU B 142 31.40 -11.24 -1.56
CA GLU B 142 30.17 -10.49 -1.39
C GLU B 142 29.95 -10.30 0.10
N VAL B 143 29.53 -9.09 0.45
CA VAL B 143 29.15 -8.77 1.81
C VAL B 143 27.65 -8.95 2.02
N LEU B 144 27.30 -9.88 2.92
CA LEU B 144 25.93 -10.15 3.29
C LEU B 144 25.70 -9.83 4.73
N VAL B 145 24.44 -9.58 5.04
CA VAL B 145 24.02 -9.17 6.34
C VAL B 145 23.32 -10.33 7.10
N ARG B 146 23.66 -10.46 8.37
CA ARG B 146 23.00 -11.42 9.26
C ARG B 146 22.53 -10.73 10.52
N TRP B 147 21.26 -10.92 10.89
CA TRP B 147 20.70 -10.36 12.12
C TRP B 147 20.73 -11.43 13.20
N GLU B 148 21.63 -11.24 14.17
CA GLU B 148 21.73 -12.12 15.34
C GLU B 148 21.00 -11.48 16.50
N HIS B 149 19.79 -11.94 16.76
CA HIS B 149 18.99 -11.39 17.84
C HIS B 149 19.50 -12.05 19.11
N PRO B 150 19.85 -11.25 20.12
CA PRO B 150 20.58 -11.80 21.26
C PRO B 150 19.97 -13.05 21.97
N GLN B 151 18.64 -13.14 22.09
CA GLN B 151 18.00 -14.26 22.79
C GLN B 151 17.59 -15.39 21.83
N THR B 152 16.87 -15.00 20.80
CA THR B 152 16.12 -15.88 19.96
C THR B 152 16.87 -16.38 18.70
N GLY B 153 17.96 -15.69 18.33
CA GLY B 153 18.86 -16.18 17.29
C GLY B 153 18.66 -15.50 15.95
N ILE B 154 18.83 -16.26 14.87
CA ILE B 154 18.95 -15.63 13.58
C ILE B 154 17.57 -15.21 13.13
N ILE B 155 17.52 -14.01 12.56
CA ILE B 155 16.40 -13.58 11.77
C ILE B 155 16.96 -13.41 10.37
N PRO B 156 16.48 -14.22 9.44
CA PRO B 156 17.13 -14.22 8.15
C PRO B 156 16.68 -13.07 7.29
N PRO B 157 17.52 -12.66 6.31
CA PRO B 157 17.25 -11.53 5.44
C PRO B 157 15.83 -11.46 4.90
N ASP B 158 15.25 -12.60 4.54
CA ASP B 158 13.88 -12.64 3.98
C ASP B 158 12.84 -11.98 4.87
N GLN B 159 13.09 -11.96 6.18
CA GLN B 159 12.13 -11.41 7.15
C GLN B 159 12.34 -9.96 7.55
N PHE B 160 13.50 -9.39 7.20
CA PHE B 160 13.76 -8.01 7.58
C PHE B 160 14.13 -7.06 6.46
N ILE B 161 14.74 -7.58 5.39
CA ILE B 161 15.20 -6.73 4.31
C ILE B 161 14.03 -5.95 3.71
N PRO B 162 12.91 -6.61 3.41
CA PRO B 162 11.80 -5.88 2.79
C PRO B 162 11.34 -4.70 3.63
N LEU B 163 11.23 -4.92 4.93
CA LEU B 163 10.82 -3.88 5.84
C LEU B 163 11.91 -2.81 6.05
N ALA B 164 13.17 -3.24 5.99
CA ALA B 164 14.27 -2.31 5.95
C ALA B 164 14.16 -1.40 4.74
N GLU B 165 13.79 -1.99 3.62
CA GLU B 165 13.66 -1.26 2.37
C GLU B 165 12.47 -0.28 2.36
N SER B 166 11.29 -0.75 2.74
CA SER B 166 10.13 0.10 2.73
C SER B 166 10.22 1.18 3.79
N SER B 167 10.81 0.88 4.95
CA SER B 167 10.99 1.87 6.02
C SER B 167 12.09 2.88 5.70
N GLY B 168 13.01 2.51 4.81
CA GLY B 168 14.15 3.34 4.47
C GLY B 168 15.39 3.05 5.30
N LEU B 169 15.25 2.29 6.39
CA LEU B 169 16.36 1.97 7.28
C LEU B 169 17.50 1.24 6.60
N ILE B 170 17.20 0.64 5.44
CA ILE B 170 18.24 -0.03 4.63
C ILE B 170 19.42 0.90 4.37
N VAL B 171 19.17 2.20 4.21
N VAL B 171 19.16 2.19 4.21
CA VAL B 171 20.26 3.13 3.92
CA VAL B 171 20.23 3.11 3.92
C VAL B 171 21.28 3.15 5.04
C VAL B 171 21.26 3.15 5.04
N ILE B 172 20.80 3.10 6.28
CA ILE B 172 21.67 3.13 7.44
C ILE B 172 22.43 1.79 7.49
N MET B 173 21.68 0.72 7.33
CA MET B 173 22.22 -0.61 7.44
C MET B 173 23.34 -0.81 6.42
N THR B 174 23.10 -0.40 5.19
CA THR B 174 24.10 -0.55 4.13
C THR B 174 25.31 0.32 4.40
N ARG B 175 25.08 1.54 4.85
CA ARG B 175 26.21 2.38 5.23
C ARG B 175 27.07 1.69 6.30
N GLN B 176 26.44 1.13 7.33
CA GLN B 176 27.18 0.51 8.43
C GLN B 176 27.94 -0.69 7.94
N LEU B 177 27.31 -1.47 7.07
CA LEU B 177 27.92 -2.64 6.53
C LEU B 177 29.19 -2.29 5.73
N MET B 178 29.11 -1.21 4.95
CA MET B 178 30.25 -0.77 4.16
C MET B 178 31.38 -0.32 5.02
N LYS B 179 31.05 0.43 6.05
CA LYS B 179 32.03 0.87 7.01
C LYS B 179 32.70 -0.33 7.71
N GLN B 180 31.89 -1.28 8.18
CA GLN B 180 32.42 -2.43 8.90
C GLN B 180 33.26 -3.35 8.01
N THR B 181 32.99 -3.35 6.72
CA THR B 181 33.75 -4.18 5.80
C THR B 181 35.12 -3.62 5.58
N ALA B 182 35.21 -2.30 5.47
CA ALA B 182 36.50 -1.60 5.47
C ALA B 182 37.31 -1.93 6.71
N ASP B 183 36.70 -1.84 7.89
CA ASP B 183 37.41 -2.16 9.15
C ASP B 183 37.92 -3.61 9.15
N ILE B 184 37.10 -4.53 8.66
CA ILE B 184 37.46 -5.95 8.67
C ILE B 184 38.62 -6.25 7.75
N LEU B 185 38.61 -5.66 6.56
CA LEU B 185 39.62 -5.99 5.54
C LEU B 185 40.87 -5.10 5.57
N MET B 186 40.81 -3.96 6.26
CA MET B 186 41.95 -3.04 6.27
C MET B 186 43.25 -3.68 6.77
N PRO B 187 43.19 -4.41 7.89
CA PRO B 187 44.42 -5.00 8.44
C PRO B 187 45.07 -5.98 7.51
N VAL B 188 44.31 -6.55 6.60
CA VAL B 188 44.83 -7.59 5.71
C VAL B 188 44.85 -7.19 4.25
N LYS B 189 44.62 -5.92 3.95
CA LYS B 189 44.50 -5.48 2.56
C LYS B 189 45.74 -5.76 1.71
N HIS B 190 46.92 -5.69 2.32
CA HIS B 190 48.15 -6.03 1.63
C HIS B 190 48.23 -7.51 1.24
N LEU B 191 47.43 -8.35 1.89
CA LEU B 191 47.38 -9.80 1.58
C LEU B 191 46.35 -10.15 0.54
N LEU B 192 45.52 -9.21 0.15
CA LEU B 192 44.47 -9.50 -0.83
C LEU B 192 45.07 -9.60 -2.21
N PRO B 193 44.56 -10.53 -3.03
CA PRO B 193 44.97 -10.52 -4.41
C PRO B 193 44.72 -9.16 -5.08
N ASP B 194 45.44 -8.91 -6.17
CA ASP B 194 45.23 -7.70 -6.96
C ASP B 194 43.84 -7.76 -7.54
N ASN B 195 43.23 -6.59 -7.67
CA ASN B 195 41.91 -6.48 -8.27
C ASN B 195 40.85 -7.31 -7.52
N PHE B 196 40.92 -7.23 -6.18
CA PHE B 196 40.04 -7.99 -5.32
C PHE B 196 38.68 -7.35 -5.28
N HIS B 197 37.65 -8.13 -5.64
CA HIS B 197 36.32 -7.56 -5.79
C HIS B 197 35.52 -7.60 -4.51
N ILE B 198 34.85 -6.51 -4.21
CA ILE B 198 34.00 -6.42 -3.04
C ILE B 198 32.62 -6.07 -3.50
N GLY B 199 31.74 -7.02 -3.31
CA GLY B 199 30.36 -6.89 -3.68
C GLY B 199 29.50 -6.41 -2.54
N ILE B 200 28.84 -5.29 -2.76
CA ILE B 200 27.88 -4.73 -1.84
C ILE B 200 26.47 -4.65 -2.52
N ASN B 201 25.46 -5.18 -1.82
CA ASN B 201 24.08 -5.13 -2.31
C ASN B 201 23.47 -3.75 -2.11
N VAL B 202 23.04 -3.13 -3.21
CA VAL B 202 22.51 -1.75 -3.24
C VAL B 202 21.12 -1.64 -3.85
N SER B 203 20.17 -1.10 -3.09
CA SER B 203 18.84 -0.84 -3.62
C SER B 203 18.77 0.59 -4.16
N ALA B 204 17.70 0.91 -4.87
CA ALA B 204 17.48 2.25 -5.45
C ALA B 204 17.52 3.31 -4.38
N GLY B 205 16.84 3.03 -3.27
CA GLY B 205 16.83 3.93 -2.11
C GLY B 205 18.23 4.30 -1.66
N CYS B 206 19.15 3.34 -1.55
CA CYS B 206 20.53 3.63 -1.09
C CYS B 206 21.25 4.43 -2.16
N PHE B 207 21.10 3.96 -3.39
CA PHE B 207 21.77 4.55 -4.56
C PHE B 207 21.41 6.02 -4.73
N LEU B 208 20.18 6.39 -4.41
CA LEU B 208 19.71 7.78 -4.58
C LEU B 208 19.81 8.65 -3.37
N ALA B 209 20.17 8.07 -2.23
CA ALA B 209 20.25 8.81 -1.00
C ALA B 209 21.43 9.77 -1.00
N ALA B 210 21.20 10.94 -0.42
CA ALA B 210 22.30 11.89 -0.16
C ALA B 210 23.45 11.19 0.56
N GLY B 211 24.68 11.40 0.08
CA GLY B 211 25.88 10.87 0.72
C GLY B 211 26.34 9.51 0.25
N PHE B 212 25.61 8.90 -0.72
CA PHE B 212 25.98 7.55 -1.11
C PHE B 212 27.37 7.49 -1.77
N GLU B 213 27.61 8.34 -2.74
CA GLU B 213 28.89 8.33 -3.44
C GLU B 213 30.04 8.48 -2.46
N LYS B 214 29.86 9.33 -1.46
CA LYS B 214 30.90 9.56 -0.49
C LYS B 214 31.24 8.31 0.30
N GLU B 215 30.21 7.56 0.69
CA GLU B 215 30.42 6.32 1.43
C GLU B 215 31.20 5.31 0.60
N CYS B 216 30.97 5.30 -0.72
CA CYS B 216 31.67 4.33 -1.61
C CYS B 216 33.15 4.70 -1.71
N LEU B 217 33.42 6.00 -1.84
CA LEU B 217 34.81 6.49 -1.87
C LEU B 217 35.57 6.21 -0.60
N ASN B 218 34.92 6.44 0.55
CA ASN B 218 35.55 6.16 1.81
C ASN B 218 36.01 4.71 1.90
N LEU B 219 35.18 3.79 1.40
CA LEU B 219 35.53 2.37 1.42
C LEU B 219 36.75 2.12 0.54
N VAL B 220 36.76 2.72 -0.63
CA VAL B 220 37.79 2.44 -1.61
C VAL B 220 39.11 3.09 -1.18
N ASN B 221 39.03 4.30 -0.66
CA ASN B 221 40.24 4.98 -0.22
C ASN B 221 40.89 4.27 0.96
N LYS B 222 40.10 3.83 1.92
CA LYS B 222 40.63 3.08 3.05
C LYS B 222 41.36 1.80 2.63
N LEU B 223 40.91 1.18 1.57
CA LEU B 223 41.41 -0.14 1.20
C LEU B 223 42.43 -0.13 0.06
N GLY B 224 42.54 0.99 -0.63
CA GLY B 224 43.47 1.09 -1.74
C GLY B 224 42.74 1.24 -3.06
N ASN B 225 42.68 2.48 -3.53
CA ASN B 225 42.11 2.85 -4.82
C ASN B 225 42.32 1.85 -5.96
N ASP B 226 43.49 1.20 -5.98
CA ASP B 226 43.91 0.36 -7.10
C ASP B 226 44.11 -1.11 -6.75
N LYS B 227 44.20 -1.44 -5.45
CA LYS B 227 44.20 -2.84 -5.01
C LYS B 227 42.81 -3.47 -5.17
N ILE B 228 41.75 -2.73 -4.82
CA ILE B 228 40.41 -3.31 -4.82
C ILE B 228 39.46 -2.71 -5.82
N LYS B 229 38.43 -3.50 -6.12
CA LYS B 229 37.39 -3.09 -7.00
C LYS B 229 36.07 -3.24 -6.25
N LEU B 230 35.42 -2.10 -6.02
CA LEU B 230 34.11 -2.09 -5.42
C LEU B 230 33.06 -2.37 -6.51
N VAL B 231 32.22 -3.36 -6.23
CA VAL B 231 31.12 -3.76 -7.11
C VAL B 231 29.79 -3.54 -6.42
N LEU B 232 29.06 -2.55 -6.89
CA LEU B 232 27.72 -2.30 -6.39
C LEU B 232 26.74 -3.23 -7.08
N GLU B 233 26.19 -4.18 -6.29
CA GLU B 233 25.32 -5.19 -6.78
C GLU B 233 23.87 -4.68 -6.72
N LEU B 234 23.37 -4.19 -7.85
CA LEU B 234 22.05 -3.55 -7.89
C LEU B 234 20.99 -4.61 -7.76
N THR B 235 20.05 -4.42 -6.85
CA THR B 235 19.03 -5.42 -6.58
C THR B 235 17.95 -5.44 -7.65
N GLU B 236 17.31 -6.59 -7.74
CA GLU B 236 16.23 -6.82 -8.67
C GLU B 236 14.87 -6.34 -8.17
N ARG B 237 14.71 -6.11 -6.87
CA ARG B 237 13.40 -5.81 -6.28
C ARG B 237 13.08 -4.34 -6.42
N ASN B 238 14.08 -3.53 -6.26
CA ASN B 238 13.89 -2.09 -6.12
C ASN B 238 14.84 -1.44 -7.09
N PRO B 239 14.51 -1.54 -8.38
CA PRO B 239 15.39 -1.11 -9.42
C PRO B 239 15.63 0.38 -9.43
N ILE B 240 16.81 0.79 -9.90
CA ILE B 240 17.14 2.19 -10.02
C ILE B 240 16.24 2.79 -11.10
N PRO B 241 15.70 3.99 -10.88
CA PRO B 241 14.83 4.52 -11.92
C PRO B 241 15.65 4.94 -13.12
N VAL B 242 15.03 4.90 -14.29
CA VAL B 242 15.74 5.14 -15.53
C VAL B 242 15.62 6.63 -15.83
N THR B 243 16.39 7.46 -15.13
CA THR B 243 16.28 8.91 -15.25
C THR B 243 17.64 9.53 -15.46
N PRO B 244 17.69 10.77 -15.98
CA PRO B 244 18.97 11.47 -16.10
C PRO B 244 19.74 11.56 -14.80
N GLU B 245 19.05 11.82 -13.70
CA GLU B 245 19.70 12.02 -12.40
C GLU B 245 20.35 10.73 -11.88
N ALA B 246 19.66 9.62 -12.09
CA ALA B 246 20.18 8.30 -11.74
C ALA B 246 21.41 7.96 -12.56
N ARG B 247 21.37 8.33 -13.84
CA ARG B 247 22.46 8.06 -14.74
C ARG B 247 23.67 8.93 -14.40
N ALA B 248 23.42 10.15 -13.93
CA ALA B 248 24.49 11.04 -13.49
C ALA B 248 25.26 10.45 -12.29
N ILE B 249 24.51 9.91 -11.34
CA ILE B 249 25.12 9.29 -10.16
C ILE B 249 25.92 8.05 -10.59
N PHE B 250 25.33 7.27 -11.47
CA PHE B 250 25.96 6.09 -12.03
C PHE B 250 27.27 6.45 -12.73
N ASP B 251 27.26 7.49 -13.55
CA ASP B 251 28.44 7.89 -14.32
C ASP B 251 29.52 8.45 -13.42
N SER B 252 29.10 9.25 -12.45
CA SER B 252 30.00 9.81 -11.46
C SER B 252 30.78 8.68 -10.77
N LEU B 253 30.07 7.69 -10.24
CA LEU B 253 30.70 6.54 -9.58
C LEU B 253 31.67 5.81 -10.51
N HIS B 254 31.26 5.59 -11.76
CA HIS B 254 32.14 4.99 -12.79
C HIS B 254 33.43 5.77 -12.98
N GLN B 255 33.35 7.09 -13.01
CA GLN B 255 34.54 7.94 -13.17
C GLN B 255 35.52 7.74 -12.01
N HIS B 256 34.98 7.37 -10.84
CA HIS B 256 35.77 7.06 -9.66
C HIS B 256 36.16 5.56 -9.58
N ASN B 257 36.05 4.82 -10.68
CA ASN B 257 36.48 3.40 -10.79
C ASN B 257 35.70 2.39 -9.95
N ILE B 258 34.51 2.78 -9.54
CA ILE B 258 33.56 1.90 -8.92
C ILE B 258 32.74 1.25 -10.01
N THR B 259 32.38 -0.01 -9.81
CA THR B 259 31.73 -0.78 -10.83
C THR B 259 30.35 -1.28 -10.38
N PHE B 260 29.59 -1.81 -11.34
CA PHE B 260 28.22 -2.20 -11.08
C PHE B 260 27.92 -3.62 -11.56
N ALA B 261 27.04 -4.29 -10.85
CA ALA B 261 26.53 -5.60 -11.23
C ALA B 261 25.02 -5.54 -11.26
N LEU B 262 24.41 -6.26 -12.20
CA LEU B 262 23.00 -6.50 -12.09
C LEU B 262 22.91 -7.81 -11.33
N ASP B 263 22.38 -7.71 -10.12
CA ASP B 263 22.23 -8.87 -9.27
C ASP B 263 20.96 -9.66 -9.58
N ASP B 264 21.02 -10.96 -9.29
CA ASP B 264 19.88 -11.88 -9.50
C ASP B 264 19.25 -11.69 -10.86
N PHE B 265 20.12 -11.58 -11.87
CA PHE B 265 19.68 -11.25 -13.19
C PHE B 265 18.74 -12.34 -13.68
N GLY B 266 17.69 -11.91 -14.40
CA GLY B 266 16.66 -12.81 -14.87
C GLY B 266 15.45 -12.93 -13.96
N THR B 267 15.45 -12.19 -12.83
CA THR B 267 14.35 -12.23 -11.87
C THR B 267 14.02 -10.78 -11.48
N GLY B 268 12.84 -10.60 -10.89
CA GLY B 268 12.37 -9.29 -10.50
C GLY B 268 12.33 -8.36 -11.69
N TYR B 269 12.95 -7.19 -11.54
CA TYR B 269 13.03 -6.17 -12.57
C TYR B 269 14.38 -6.23 -13.31
N ALA B 270 15.15 -7.30 -13.08
CA ALA B 270 16.46 -7.42 -13.72
C ALA B 270 16.29 -7.91 -15.13
N THR B 271 15.99 -6.94 -15.98
CA THR B 271 15.65 -7.14 -17.40
C THR B 271 16.70 -6.59 -18.36
N TYR B 272 16.53 -6.89 -19.63
CA TYR B 272 17.36 -6.32 -20.69
C TYR B 272 17.39 -4.83 -20.61
N ARG B 273 16.28 -4.21 -20.23
CA ARG B 273 16.20 -2.75 -20.14
C ARG B 273 17.26 -2.16 -19.23
N TYR B 274 17.54 -2.80 -18.11
CA TYR B 274 18.58 -2.27 -17.20
C TYR B 274 19.96 -2.29 -17.79
N LEU B 275 20.23 -3.30 -18.60
CA LEU B 275 21.47 -3.35 -19.33
C LEU B 275 21.54 -2.26 -20.40
N GLN B 276 20.41 -1.95 -21.04
CA GLN B 276 20.34 -0.90 -22.01
C GLN B 276 20.50 0.49 -21.37
N ALA B 277 19.90 0.71 -20.22
CA ALA B 277 19.93 2.04 -19.60
C ALA B 277 21.26 2.34 -18.89
N PHE B 278 21.87 1.30 -18.33
CA PHE B 278 23.06 1.42 -17.51
C PHE B 278 24.15 0.46 -17.99
N PRO B 279 25.25 0.99 -18.50
CA PRO B 279 26.30 0.09 -18.93
C PRO B 279 27.05 -0.49 -17.71
N VAL B 280 26.54 -1.58 -17.16
CA VAL B 280 27.11 -2.21 -16.01
C VAL B 280 28.33 -3.04 -16.39
N ASP B 281 29.04 -3.53 -15.38
CA ASP B 281 30.27 -4.27 -15.58
C ASP B 281 30.13 -5.77 -15.36
N PHE B 282 29.15 -6.18 -14.55
CA PHE B 282 28.94 -7.58 -14.22
C PHE B 282 27.47 -7.93 -14.27
N ILE B 283 27.22 -9.21 -14.55
CA ILE B 283 25.89 -9.79 -14.39
C ILE B 283 26.07 -10.97 -13.47
N LYS B 284 25.27 -11.04 -12.41
CA LYS B 284 25.21 -12.20 -11.53
C LYS B 284 23.97 -13.00 -11.84
N ILE B 285 24.14 -14.25 -12.22
CA ILE B 285 23.04 -15.08 -12.62
C ILE B 285 22.29 -15.56 -11.41
N ASP B 286 20.99 -15.33 -11.36
CA ASP B 286 20.21 -15.83 -10.22
C ASP B 286 20.39 -17.32 -10.02
N LYS B 287 20.42 -17.72 -8.77
CA LYS B 287 20.61 -19.13 -8.44
C LYS B 287 19.51 -20.07 -9.03
N SER B 288 18.31 -19.54 -9.24
CA SER B 288 17.23 -20.36 -9.79
C SER B 288 17.56 -20.92 -11.20
N PHE B 289 18.40 -20.22 -11.96
CA PHE B 289 18.87 -20.74 -13.24
C PHE B 289 20.08 -21.65 -13.06
N VAL B 290 20.99 -21.27 -12.17
CA VAL B 290 22.20 -22.07 -11.92
C VAL B 290 21.82 -23.47 -11.45
N GLN B 291 20.88 -23.53 -10.54
CA GLN B 291 20.52 -24.79 -9.89
C GLN B 291 19.55 -25.61 -10.68
N MET B 292 18.86 -25.01 -11.64
CA MET B 292 17.91 -25.74 -12.48
C MET B 292 18.48 -26.10 -13.82
N ALA B 293 19.65 -25.59 -14.16
CA ALA B 293 20.24 -25.88 -15.44
C ALA B 293 20.54 -27.39 -15.48
N SER B 294 19.89 -28.21 -16.32
CA SER B 294 20.05 -29.72 -16.30
C SER B 294 19.11 -30.48 -15.31
N VAL B 295 18.18 -29.77 -14.68
CA VAL B 295 16.98 -30.40 -14.15
C VAL B 295 15.89 -30.19 -15.21
N ASP B 296 15.70 -28.96 -15.68
CA ASP B 296 14.62 -28.62 -16.63
C ASP B 296 15.10 -28.50 -18.09
N GLU B 297 14.22 -27.95 -18.96
CA GLU B 297 14.44 -27.82 -20.40
C GLU B 297 14.94 -26.44 -20.88
N ILE B 298 14.89 -25.39 -20.06
CA ILE B 298 15.27 -24.02 -20.51
C ILE B 298 16.34 -23.35 -19.67
N SER B 299 16.47 -23.75 -18.42
CA SER B 299 17.36 -23.05 -17.53
C SER B 299 18.80 -23.01 -18.08
N GLY B 300 19.27 -24.14 -18.61
CA GLY B 300 20.60 -24.20 -19.20
C GLY B 300 20.72 -23.25 -20.35
N HIS B 301 19.67 -23.22 -21.20
CA HIS B 301 19.58 -22.33 -22.34
C HIS B 301 19.60 -20.85 -21.94
N ILE B 302 18.93 -20.54 -20.85
CA ILE B 302 18.96 -19.20 -20.25
C ILE B 302 20.39 -18.78 -19.83
N VAL B 303 21.12 -19.69 -19.21
CA VAL B 303 22.50 -19.37 -18.83
C VAL B 303 23.32 -19.09 -20.09
N ASP B 304 23.16 -19.92 -21.11
CA ASP B 304 23.86 -19.68 -22.39
C ASP B 304 23.53 -18.30 -22.91
N ASN B 305 22.28 -17.94 -22.76
CA ASN B 305 21.81 -16.66 -23.23
C ASN B 305 22.44 -15.50 -22.49
N ILE B 306 22.62 -15.64 -21.19
CA ILE B 306 23.26 -14.63 -20.36
C ILE B 306 24.74 -14.53 -20.69
N VAL B 307 25.36 -15.67 -20.96
CA VAL B 307 26.74 -15.67 -21.45
C VAL B 307 26.86 -14.93 -22.78
N GLU B 308 25.95 -15.17 -23.71
CA GLU B 308 26.03 -14.51 -25.04
C GLU B 308 25.75 -13.01 -24.86
N LEU B 309 24.84 -12.68 -23.97
CA LEU B 309 24.45 -11.29 -23.69
C LEU B 309 25.66 -10.47 -23.26
N ALA B 310 26.48 -11.06 -22.40
CA ALA B 310 27.59 -10.35 -21.80
C ALA B 310 28.72 -10.13 -22.77
N ARG B 311 28.84 -11.03 -23.73
CA ARG B 311 30.04 -11.09 -24.52
C ARG B 311 30.28 -9.84 -25.34
N LYS B 312 29.25 -9.27 -25.97
CA LYS B 312 29.46 -8.11 -26.85
C LYS B 312 29.97 -6.91 -26.08
N PRO B 313 29.23 -6.42 -25.07
CA PRO B 313 29.79 -5.32 -24.29
C PRO B 313 30.98 -5.70 -23.38
N GLY B 314 31.31 -6.99 -23.27
CA GLY B 314 32.49 -7.42 -22.51
C GLY B 314 32.31 -7.44 -20.99
N LEU B 315 31.12 -7.80 -20.54
CA LEU B 315 30.82 -7.91 -19.11
C LEU B 315 31.29 -9.23 -18.57
N SER B 316 31.49 -9.28 -17.27
CA SER B 316 31.81 -10.53 -16.60
C SER B 316 30.58 -11.11 -15.91
N ILE B 317 30.52 -12.43 -15.86
CA ILE B 317 29.40 -13.12 -15.25
C ILE B 317 29.83 -13.85 -13.99
N VAL B 318 28.98 -13.76 -12.96
CA VAL B 318 29.13 -14.66 -11.82
C VAL B 318 27.89 -15.53 -11.63
N ALA B 319 28.12 -16.83 -11.50
CA ALA B 319 27.05 -17.76 -11.16
C ALA B 319 26.89 -17.79 -9.65
N GLU B 320 25.68 -17.46 -9.18
CA GLU B 320 25.33 -17.50 -7.75
C GLU B 320 24.76 -18.84 -7.38
N GLY B 321 24.79 -19.18 -6.09
CA GLY B 321 24.13 -20.39 -5.61
C GLY B 321 24.74 -21.66 -6.14
N VAL B 322 26.02 -21.65 -6.49
CA VAL B 322 26.68 -22.89 -6.90
C VAL B 322 26.78 -23.84 -5.70
N GLU B 323 26.02 -24.94 -5.74
CA GLU B 323 25.87 -25.83 -4.60
C GLU B 323 26.52 -27.19 -4.78
N THR B 324 26.65 -27.64 -6.01
CA THR B 324 27.21 -28.96 -6.27
C THR B 324 28.30 -28.86 -7.32
N GLN B 325 29.15 -29.87 -7.38
CA GLN B 325 30.24 -29.86 -8.36
C GLN B 325 29.71 -29.93 -9.78
N GLU B 326 28.60 -30.63 -10.01
CA GLU B 326 28.07 -30.72 -11.38
C GLU B 326 27.51 -29.35 -11.83
N GLN B 327 26.89 -28.60 -10.92
CA GLN B 327 26.47 -27.23 -11.22
C GLN B 327 27.67 -26.37 -11.59
N ALA B 328 28.77 -26.51 -10.86
CA ALA B 328 29.95 -25.71 -11.16
C ALA B 328 30.51 -26.06 -12.52
N ASP B 329 30.71 -27.35 -12.78
CA ASP B 329 31.30 -27.80 -14.03
C ASP B 329 30.46 -27.27 -15.19
N LEU B 330 29.16 -27.34 -15.00
CA LEU B 330 28.23 -26.87 -16.01
C LEU B 330 28.39 -25.36 -16.27
N MET B 331 28.48 -24.58 -15.20
CA MET B 331 28.68 -23.14 -15.32
C MET B 331 30.03 -22.79 -15.95
N ILE B 332 31.06 -23.48 -15.52
CA ILE B 332 32.40 -23.30 -16.08
C ILE B 332 32.39 -23.58 -17.58
N GLY B 333 31.84 -24.75 -17.95
CA GLY B 333 31.76 -25.16 -19.35
C GLY B 333 31.05 -24.13 -20.21
N LYS B 334 30.02 -23.48 -19.68
CA LYS B 334 29.23 -22.49 -20.43
C LYS B 334 29.87 -21.09 -20.54
N GLY B 335 31.06 -20.90 -19.95
CA GLY B 335 31.82 -19.65 -20.12
C GLY B 335 31.59 -18.62 -19.05
N VAL B 336 31.09 -19.05 -17.90
CA VAL B 336 30.91 -18.14 -16.77
C VAL B 336 32.28 -17.80 -16.18
N HIS B 337 32.48 -16.56 -15.73
CA HIS B 337 33.78 -16.07 -15.31
C HIS B 337 34.08 -16.27 -13.84
N PHE B 338 33.07 -16.11 -12.98
CA PHE B 338 33.24 -16.21 -11.54
C PHE B 338 32.17 -17.14 -10.97
N LEU B 339 32.48 -17.73 -9.81
CA LEU B 339 31.58 -18.66 -9.14
C LEU B 339 31.45 -18.32 -7.69
N GLN B 340 30.27 -18.59 -7.16
CA GLN B 340 29.95 -18.24 -5.80
C GLN B 340 28.88 -19.22 -5.31
N GLY B 341 29.03 -19.71 -4.08
CA GLY B 341 28.04 -20.61 -3.50
C GLY B 341 28.55 -21.55 -2.42
N TYR B 342 27.60 -22.29 -1.85
CA TYR B 342 27.82 -23.19 -0.72
C TYR B 342 28.78 -24.33 -0.99
N LEU B 343 28.98 -24.64 -2.26
CA LEU B 343 29.98 -25.64 -2.62
C LEU B 343 31.37 -25.23 -2.14
N TYR B 344 31.66 -23.96 -2.19
CA TYR B 344 32.97 -23.47 -1.81
C TYR B 344 32.90 -23.01 -0.38
N SER B 345 31.96 -22.12 -0.11
CA SER B 345 31.71 -21.67 1.21
C SER B 345 30.45 -20.89 1.29
N PRO B 346 29.69 -21.10 2.37
CA PRO B 346 28.65 -20.15 2.66
C PRO B 346 29.26 -18.83 3.11
N PRO B 347 28.39 -17.83 3.30
CA PRO B 347 28.91 -16.64 3.92
C PRO B 347 29.42 -16.97 5.32
N VAL B 348 30.46 -16.27 5.79
CA VAL B 348 31.02 -16.53 7.13
C VAL B 348 31.33 -15.20 7.82
N PRO B 349 31.36 -15.21 9.17
CA PRO B 349 31.82 -14.00 9.85
C PRO B 349 33.16 -13.50 9.34
N GLY B 350 33.37 -12.20 9.42
CA GLY B 350 34.57 -11.56 8.87
C GLY B 350 35.87 -12.17 9.33
N ASN B 351 36.01 -12.37 10.63
CA ASN B 351 37.23 -12.95 11.17
C ASN B 351 37.49 -14.30 10.54
N LYS B 352 36.44 -15.09 10.36
CA LYS B 352 36.59 -16.39 9.74
C LYS B 352 36.85 -16.28 8.22
N PHE B 353 36.31 -15.24 7.58
CA PHE B 353 36.63 -15.01 6.19
C PHE B 353 38.12 -14.75 6.07
N ILE B 354 38.64 -13.87 6.91
CA ILE B 354 40.05 -13.53 6.87
C ILE B 354 40.92 -14.76 7.14
N SER B 355 40.59 -15.46 8.22
CA SER B 355 41.33 -16.63 8.61
C SER B 355 41.30 -17.77 7.59
N GLU B 356 40.16 -18.01 6.97
CA GLU B 356 40.05 -19.11 6.00
C GLU B 356 40.52 -18.76 4.61
N TRP B 357 40.16 -17.58 4.11
CA TRP B 357 40.37 -17.26 2.70
C TRP B 357 41.46 -16.23 2.40
N VAL B 358 41.82 -15.40 3.35
CA VAL B 358 42.87 -14.41 3.13
C VAL B 358 44.21 -14.83 3.72
N MET B 359 44.23 -15.00 5.05
CA MET B 359 45.45 -15.26 5.86
C MET B 359 45.74 -16.76 5.88
N LYS B 360 45.92 -17.36 4.68
CA LYS B 360 45.93 -18.83 4.41
C LYS B 360 44.79 -19.23 3.45
N ILE C 108 -9.12 -16.31 -4.94
CA ILE C 108 -10.41 -16.62 -4.27
C ILE C 108 -11.41 -15.44 -4.42
N VAL C 109 -11.25 -14.38 -3.60
CA VAL C 109 -11.90 -13.07 -3.78
C VAL C 109 -10.97 -11.97 -4.36
N THR C 110 -11.21 -11.62 -5.63
CA THR C 110 -10.39 -10.66 -6.36
C THR C 110 -11.26 -9.51 -6.92
N PRO C 111 -10.63 -8.42 -7.38
CA PRO C 111 -11.40 -7.38 -8.05
C PRO C 111 -12.10 -7.88 -9.31
N GLU C 112 -11.46 -8.78 -10.06
CA GLU C 112 -12.10 -9.31 -11.24
C GLU C 112 -13.29 -10.19 -10.90
N ALA C 113 -13.19 -10.94 -9.81
CA ALA C 113 -14.31 -11.77 -9.38
C ALA C 113 -15.47 -10.88 -8.92
N ILE C 114 -15.15 -9.78 -8.23
CA ILE C 114 -16.19 -8.81 -7.88
C ILE C 114 -16.84 -8.15 -9.10
N SER C 115 -16.03 -7.80 -10.09
CA SER C 115 -16.57 -7.22 -11.33
C SER C 115 -17.53 -8.22 -11.98
N LEU C 116 -17.07 -9.45 -12.14
CA LEU C 116 -17.85 -10.52 -12.79
C LEU C 116 -19.14 -10.74 -12.01
N ALA C 117 -19.03 -10.74 -10.69
CA ALA C 117 -20.20 -10.94 -9.83
C ALA C 117 -21.20 -9.79 -9.98
N LEU C 118 -20.73 -8.57 -10.21
CA LEU C 118 -21.63 -7.43 -10.41
C LEU C 118 -22.39 -7.65 -11.71
N GLU C 119 -21.66 -7.95 -12.78
CA GLU C 119 -22.30 -8.23 -14.09
C GLU C 119 -23.30 -9.39 -14.02
N ASN C 120 -23.00 -10.41 -13.23
CA ASN C 120 -23.88 -11.56 -13.04
C ASN C 120 -24.95 -11.35 -11.95
N HIS C 121 -25.08 -10.12 -11.48
N HIS C 121 -25.08 -10.10 -11.48
CA HIS C 121 -26.08 -9.76 -10.47
CA HIS C 121 -26.04 -9.71 -10.44
C HIS C 121 -26.07 -10.64 -9.22
C HIS C 121 -26.08 -10.64 -9.22
N GLU C 122 -24.90 -11.02 -8.74
CA GLU C 122 -24.78 -11.90 -7.57
C GLU C 122 -24.86 -11.14 -6.24
N PHE C 123 -24.81 -9.81 -6.30
CA PHE C 123 -24.88 -8.95 -5.11
C PHE C 123 -26.31 -8.49 -4.92
N LYS C 124 -26.94 -8.99 -3.86
CA LYS C 124 -28.37 -8.70 -3.63
C LYS C 124 -28.63 -7.72 -2.50
N PRO C 125 -29.67 -6.79 -2.67
CA PRO C 125 -30.04 -5.91 -1.57
C PRO C 125 -30.92 -6.70 -0.63
N TRP C 126 -30.41 -6.98 0.55
CA TRP C 126 -31.19 -7.47 1.67
C TRP C 126 -31.52 -6.24 2.52
N ILE C 127 -32.61 -6.30 3.24
CA ILE C 127 -33.17 -5.12 3.86
C ILE C 127 -33.48 -5.48 5.30
N GLN C 128 -33.02 -4.62 6.22
CA GLN C 128 -33.29 -4.86 7.64
C GLN C 128 -34.22 -3.78 8.16
N PRO C 129 -35.34 -4.18 8.75
CA PRO C 129 -36.19 -3.14 9.29
C PRO C 129 -35.59 -2.40 10.51
N VAL C 130 -36.02 -1.14 10.66
CA VAL C 130 -35.73 -0.27 11.78
C VAL C 130 -37.03 0.25 12.40
N PHE C 131 -37.02 0.37 13.72
CA PHE C 131 -38.23 0.63 14.48
C PHE C 131 -38.12 1.79 15.46
N CYS C 132 -39.26 2.39 15.76
CA CYS C 132 -39.37 3.42 16.80
C CYS C 132 -39.17 2.74 18.15
N ALA C 133 -38.25 3.27 18.95
CA ALA C 133 -37.90 2.66 20.23
C ALA C 133 -39.03 2.78 21.25
N GLN C 134 -39.69 3.95 21.25
CA GLN C 134 -40.88 4.22 22.07
C GLN C 134 -42.04 3.26 21.85
N THR C 135 -42.38 2.99 20.60
CA THR C 135 -43.64 2.31 20.26
C THR C 135 -43.51 0.94 19.60
N GLY C 136 -42.32 0.58 19.12
CA GLY C 136 -42.13 -0.71 18.40
C GLY C 136 -42.52 -0.68 16.93
N VAL C 137 -43.00 0.48 16.44
CA VAL C 137 -43.55 0.63 15.09
C VAL C 137 -42.45 0.74 14.03
N LEU C 138 -42.73 0.20 12.85
CA LEU C 138 -41.80 0.28 11.71
C LEU C 138 -41.61 1.74 11.23
N THR C 139 -40.36 2.21 11.21
CA THR C 139 -40.07 3.58 10.81
C THR C 139 -39.18 3.65 9.57
N GLY C 140 -38.52 2.55 9.24
CA GLY C 140 -37.58 2.57 8.13
C GLY C 140 -36.84 1.26 7.94
N CYS C 141 -35.75 1.32 7.21
CA CYS C 141 -34.94 0.15 6.94
C CYS C 141 -33.53 0.56 6.62
N GLU C 142 -32.64 -0.43 6.66
CA GLU C 142 -31.30 -0.31 6.11
C GLU C 142 -31.16 -1.31 5.00
N VAL C 143 -30.52 -0.86 3.93
CA VAL C 143 -30.18 -1.73 2.82
C VAL C 143 -28.76 -2.28 2.94
N LEU C 144 -28.68 -3.61 3.07
CA LEU C 144 -27.42 -4.31 3.15
C LEU C 144 -27.23 -5.22 1.97
N VAL C 145 -25.98 -5.51 1.71
CA VAL C 145 -25.58 -6.29 0.58
C VAL C 145 -25.18 -7.73 0.98
N ARG C 146 -25.63 -8.69 0.18
CA ARG C 146 -25.24 -10.08 0.36
C ARG C 146 -24.73 -10.65 -0.95
N TRP C 147 -23.55 -11.29 -0.92
CA TRP C 147 -23.00 -11.93 -2.11
C TRP C 147 -23.30 -13.42 -2.07
N GLU C 148 -24.21 -13.84 -2.93
CA GLU C 148 -24.57 -15.26 -3.10
C GLU C 148 -23.82 -15.83 -4.27
N HIS C 149 -22.74 -16.55 -3.99
CA HIS C 149 -21.93 -17.14 -5.04
C HIS C 149 -22.66 -18.39 -5.46
N PRO C 150 -22.91 -18.56 -6.76
CA PRO C 150 -23.81 -19.62 -7.21
C PRO C 150 -23.52 -21.07 -6.71
N GLN C 151 -22.25 -21.47 -6.58
CA GLN C 151 -21.90 -22.83 -6.17
C GLN C 151 -21.65 -22.94 -4.66
N THR C 152 -20.80 -22.06 -4.17
CA THR C 152 -20.19 -22.15 -2.89
C THR C 152 -20.94 -21.41 -1.76
N GLY C 153 -21.84 -20.48 -2.12
CA GLY C 153 -22.73 -19.87 -1.15
C GLY C 153 -22.31 -18.47 -0.73
N ILE C 154 -22.55 -18.15 0.54
CA ILE C 154 -22.44 -16.77 0.94
C ILE C 154 -20.98 -16.42 1.08
N ILE C 155 -20.65 -15.24 0.59
CA ILE C 155 -19.41 -14.59 0.93
C ILE C 155 -19.82 -13.34 1.68
N PRO C 156 -19.45 -13.27 2.95
CA PRO C 156 -19.99 -12.20 3.76
C PRO C 156 -19.26 -10.90 3.53
N PRO C 157 -19.94 -9.76 3.81
CA PRO C 157 -19.38 -8.43 3.60
C PRO C 157 -17.94 -8.26 4.05
N ASP C 158 -17.58 -8.84 5.20
CA ASP C 158 -16.21 -8.71 5.74
C ASP C 158 -15.12 -9.14 4.76
N GLN C 159 -15.45 -10.04 3.84
CA GLN C 159 -14.48 -10.58 2.88
C GLN C 159 -14.41 -9.88 1.53
N PHE C 160 -15.40 -9.04 1.23
CA PHE C 160 -15.41 -8.37 -0.07
C PHE C 160 -15.50 -6.86 -0.03
N ILE C 161 -16.12 -6.30 1.00
CA ILE C 161 -16.32 -4.87 1.06
C ILE C 161 -14.98 -4.13 1.01
N PRO C 162 -14.00 -4.55 1.82
CA PRO C 162 -12.72 -3.84 1.81
C PRO C 162 -12.09 -3.77 0.43
N LEU C 163 -12.12 -4.89 -0.27
CA LEU C 163 -11.58 -4.95 -1.61
C LEU C 163 -12.43 -4.21 -2.65
N ALA C 164 -13.74 -4.21 -2.42
CA ALA C 164 -14.63 -3.37 -3.19
C ALA C 164 -14.26 -1.91 -3.03
N GLU C 165 -13.94 -1.54 -1.81
CA GLU C 165 -13.58 -0.16 -1.47
C GLU C 165 -12.21 0.26 -2.06
N SER C 166 -11.19 -0.55 -1.85
CA SER C 166 -9.87 -0.21 -2.35
C SER C 166 -9.81 -0.26 -3.88
N SER C 167 -10.54 -1.20 -4.49
CA SER C 167 -10.59 -1.31 -5.95
C SER C 167 -11.44 -0.22 -6.60
N GLY C 168 -12.34 0.38 -5.81
CA GLY C 168 -13.27 1.38 -6.31
C GLY C 168 -14.60 0.81 -6.78
N LEU C 169 -14.69 -0.51 -6.95
CA LEU C 169 -15.91 -1.17 -7.43
C LEU C 169 -17.11 -0.92 -6.55
N ILE C 170 -16.87 -0.52 -5.30
CA ILE C 170 -17.95 -0.16 -4.38
C ILE C 170 -18.90 0.85 -4.99
N VAL C 171 -18.39 1.77 -5.81
N VAL C 171 -18.39 1.76 -5.80
CA VAL C 171 -19.23 2.81 -6.40
CA VAL C 171 -19.22 2.78 -6.39
C VAL C 171 -20.31 2.17 -7.27
C VAL C 171 -20.30 2.17 -7.28
N ILE C 172 -19.94 1.14 -8.03
CA ILE C 172 -20.87 0.47 -8.92
C ILE C 172 -21.88 -0.29 -8.06
N MET C 173 -21.36 -1.01 -7.09
CA MET C 173 -22.16 -1.86 -6.23
C MET C 173 -23.23 -1.03 -5.52
N THR C 174 -22.82 0.11 -4.98
CA THR C 174 -23.74 0.97 -4.25
C THR C 174 -24.77 1.57 -5.19
N ARG C 175 -24.35 1.98 -6.37
CA ARG C 175 -25.29 2.47 -7.35
C ARG C 175 -26.36 1.39 -7.65
N GLN C 176 -25.93 0.14 -7.88
CA GLN C 176 -26.85 -0.92 -8.23
C GLN C 176 -27.81 -1.20 -7.11
N LEU C 177 -27.29 -1.18 -5.89
CA LEU C 177 -28.07 -1.44 -4.73
C LEU C 177 -29.18 -0.39 -4.57
N MET C 178 -28.84 0.87 -4.83
CA MET C 178 -29.80 1.97 -4.74
C MET C 178 -30.88 1.84 -5.76
N LYS C 179 -30.48 1.49 -6.98
CA LYS C 179 -31.41 1.26 -8.05
C LYS C 179 -32.36 0.10 -7.70
N GLN C 180 -31.80 -1.02 -7.24
CA GLN C 180 -32.60 -2.19 -6.94
C GLN C 180 -33.54 -1.98 -5.77
N THR C 181 -33.19 -1.09 -4.86
CA THR C 181 -34.02 -0.80 -3.71
C THR C 181 -35.25 -0.02 -4.11
N ALA C 182 -35.05 0.93 -5.01
CA ALA C 182 -36.17 1.63 -5.65
C ALA C 182 -37.13 0.66 -6.33
N ASP C 183 -36.59 -0.27 -7.13
CA ASP C 183 -37.43 -1.28 -7.82
C ASP C 183 -38.22 -2.10 -6.81
N ILE C 184 -37.58 -2.50 -5.71
CA ILE C 184 -38.21 -3.37 -4.73
C ILE C 184 -39.35 -2.66 -4.01
N LEU C 185 -39.14 -1.41 -3.63
CA LEU C 185 -40.11 -0.68 -2.82
C LEU C 185 -41.15 0.11 -3.62
N MET C 186 -40.91 0.33 -4.90
CA MET C 186 -41.85 1.13 -5.69
C MET C 186 -43.28 0.60 -5.70
N PRO C 187 -43.45 -0.72 -5.92
CA PRO C 187 -44.81 -1.27 -5.98
C PRO C 187 -45.58 -1.10 -4.70
N VAL C 188 -44.88 -0.95 -3.60
CA VAL C 188 -45.53 -0.88 -2.29
C VAL C 188 -45.38 0.47 -1.60
N LYS C 189 -44.86 1.47 -2.31
CA LYS C 189 -44.56 2.76 -1.68
C LYS C 189 -45.77 3.44 -1.03
N HIS C 190 -46.95 3.24 -1.61
CA HIS C 190 -48.19 3.78 -1.02
C HIS C 190 -48.53 3.10 0.32
N LEU C 191 -47.96 1.94 0.58
CA LEU C 191 -48.18 1.21 1.85
C LEU C 191 -47.17 1.55 2.92
N LEU C 192 -46.13 2.30 2.58
CA LEU C 192 -45.11 2.63 3.56
C LEU C 192 -45.62 3.68 4.49
N PRO C 193 -45.24 3.59 5.79
CA PRO C 193 -45.55 4.70 6.66
C PRO C 193 -44.97 6.01 6.15
N ASP C 194 -45.54 7.12 6.62
CA ASP C 194 -45.04 8.44 6.29
C ASP C 194 -43.66 8.58 6.87
N ASN C 195 -42.81 9.32 6.16
CA ASN C 195 -41.47 9.59 6.62
C ASN C 195 -40.66 8.28 6.84
N PHE C 196 -40.79 7.38 5.87
CA PHE C 196 -40.16 6.08 5.93
C PHE C 196 -38.70 6.21 5.58
N HIS C 197 -37.84 5.78 6.49
CA HIS C 197 -36.39 6.00 6.32
C HIS C 197 -35.72 4.88 5.56
N ILE C 198 -34.85 5.25 4.63
CA ILE C 198 -34.10 4.29 3.86
C ILE C 198 -32.65 4.58 4.06
N GLY C 199 -31.99 3.66 4.72
CA GLY C 199 -30.60 3.76 5.01
C GLY C 199 -29.75 3.07 3.98
N ILE C 200 -28.86 3.84 3.37
CA ILE C 200 -27.87 3.36 2.44
C ILE C 200 -26.42 3.63 2.98
N ASN C 201 -25.59 2.58 3.01
CA ASN C 201 -24.20 2.72 3.44
C ASN C 201 -23.34 3.35 2.36
N VAL C 202 -22.72 4.49 2.70
CA VAL C 202 -21.92 5.31 1.76
C VAL C 202 -20.50 5.56 2.23
N SER C 203 -19.52 5.18 1.42
CA SER C 203 -18.12 5.49 1.71
C SER C 203 -17.73 6.80 1.04
N ALA C 204 -16.57 7.33 1.41
CA ALA C 204 -16.04 8.59 0.83
C ALA C 204 -15.94 8.50 -0.66
N GLY C 205 -15.41 7.36 -1.14
CA GLY C 205 -15.31 7.10 -2.58
C GLY C 205 -16.62 7.28 -3.30
N CYS C 206 -17.72 6.74 -2.76
CA CYS C 206 -19.04 6.86 -3.43
C CYS C 206 -19.52 8.30 -3.37
N PHE C 207 -19.37 8.88 -2.18
CA PHE C 207 -19.83 10.24 -1.89
C PHE C 207 -19.17 11.26 -2.81
N LEU C 208 -17.91 11.03 -3.17
CA LEU C 208 -17.16 11.97 -4.02
C LEU C 208 -17.16 11.66 -5.48
N ALA C 209 -17.71 10.51 -5.86
CA ALA C 209 -17.73 10.12 -7.24
C ALA C 209 -18.70 10.96 -8.07
N ALA C 210 -18.28 11.25 -9.30
CA ALA C 210 -19.17 11.87 -10.27
C ALA C 210 -20.50 11.11 -10.37
N GLY C 211 -21.61 11.84 -10.32
CA GLY C 211 -22.93 11.26 -10.49
C GLY C 211 -23.62 10.80 -9.22
N PHE C 212 -22.98 10.97 -8.06
CA PHE C 212 -23.58 10.46 -6.83
C PHE C 212 -24.90 11.16 -6.49
N GLU C 213 -24.89 12.48 -6.48
CA GLU C 213 -26.10 13.22 -6.13
C GLU C 213 -27.26 12.81 -7.03
N LYS C 214 -26.98 12.60 -8.30
CA LYS C 214 -28.02 12.23 -9.24
C LYS C 214 -28.66 10.90 -8.88
N GLU C 215 -27.84 9.92 -8.49
CA GLU C 215 -28.34 8.62 -8.10
C GLU C 215 -29.25 8.72 -6.88
N CYS C 216 -28.93 9.64 -5.95
CA CYS C 216 -29.75 9.79 -4.73
C CYS C 216 -31.11 10.38 -5.09
N LEU C 217 -31.11 11.38 -5.97
CA LEU C 217 -32.36 11.98 -6.46
C LEU C 217 -33.25 11.00 -7.19
N ASN C 218 -32.66 10.20 -8.06
CA ASN C 218 -33.42 9.20 -8.77
C ASN C 218 -34.16 8.27 -7.81
N LEU C 219 -33.50 7.89 -6.73
CA LEU C 219 -34.14 7.02 -5.73
C LEU C 219 -35.32 7.72 -5.08
N VAL C 220 -35.12 8.98 -4.73
CA VAL C 220 -36.11 9.71 -3.98
C VAL C 220 -37.30 10.07 -4.87
N ASN C 221 -37.03 10.46 -6.10
CA ASN C 221 -38.09 10.80 -7.02
C ASN C 221 -38.96 9.61 -7.36
N LYS C 222 -38.34 8.46 -7.60
CA LYS C 222 -39.09 7.24 -7.86
C LYS C 222 -40.03 6.85 -6.72
N LEU C 223 -39.63 7.15 -5.50
CA LEU C 223 -40.37 6.65 -4.34
C LEU C 223 -41.27 7.69 -3.70
N GLY C 224 -41.12 8.95 -4.05
CA GLY C 224 -41.93 10.00 -3.47
C GLY C 224 -41.09 10.93 -2.62
N ASN C 225 -40.74 12.07 -3.21
CA ASN C 225 -40.02 13.16 -2.55
C ASN C 225 -40.35 13.38 -1.06
N ASP C 226 -41.61 13.20 -0.70
CA ASP C 226 -42.12 13.56 0.62
C ASP C 226 -42.64 12.36 1.45
N LYS C 227 -42.89 11.23 0.80
CA LYS C 227 -43.21 9.99 1.53
C LYS C 227 -41.95 9.43 2.24
N ILE C 228 -40.79 9.46 1.57
CA ILE C 228 -39.60 8.82 2.13
C ILE C 228 -38.49 9.78 2.47
N LYS C 229 -37.63 9.28 3.35
CA LYS C 229 -36.46 10.01 3.74
C LYS C 229 -35.26 9.10 3.49
N LEU C 230 -34.40 9.55 2.58
CA LEU C 230 -33.15 8.87 2.29
C LEU C 230 -32.11 9.29 3.34
N VAL C 231 -31.51 8.29 3.96
CA VAL C 231 -30.45 8.47 4.95
C VAL C 231 -29.17 7.85 4.46
N LEU C 232 -28.22 8.71 4.13
CA LEU C 232 -26.89 8.24 3.75
C LEU C 232 -26.08 7.96 5.00
N GLU C 233 -25.80 6.67 5.22
CA GLU C 233 -25.10 6.20 6.38
C GLU C 233 -23.60 6.21 6.10
N LEU C 234 -22.92 7.26 6.56
CA LEU C 234 -21.50 7.47 6.25
C LEU C 234 -20.68 6.48 7.06
N THR C 235 -19.79 5.75 6.40
CA THR C 235 -19.02 4.72 7.04
C THR C 235 -17.91 5.28 7.90
N GLU C 236 -17.49 4.48 8.87
CA GLU C 236 -16.43 4.82 9.77
C GLU C 236 -15.04 4.51 9.22
N ARG C 237 -14.92 3.67 8.20
CA ARG C 237 -13.62 3.18 7.72
C ARG C 237 -13.00 4.19 6.77
N ASN C 238 -13.84 4.79 5.96
CA ASN C 238 -13.37 5.57 4.84
C ASN C 238 -14.09 6.90 4.91
N PRO C 239 -13.70 7.70 5.89
CA PRO C 239 -14.39 8.93 6.19
C PRO C 239 -14.33 9.95 5.07
N ILE C 240 -15.37 10.77 4.97
CA ILE C 240 -15.39 11.85 4.00
C ILE C 240 -14.32 12.87 4.37
N PRO C 241 -13.56 13.38 3.41
CA PRO C 241 -12.52 14.33 3.81
C PRO C 241 -13.16 15.63 4.23
N VAL C 242 -12.49 16.35 5.11
CA VAL C 242 -13.02 17.56 5.69
C VAL C 242 -12.59 18.73 4.82
N THR C 243 -13.22 18.89 3.67
CA THR C 243 -12.81 19.91 2.70
C THR C 243 -14.01 20.71 2.24
N PRO C 244 -13.78 21.91 1.68
CA PRO C 244 -14.87 22.70 1.12
C PRO C 244 -15.70 21.94 0.10
N GLU C 245 -15.04 21.19 -0.77
CA GLU C 245 -15.74 20.48 -1.85
C GLU C 245 -16.67 19.38 -1.33
N ALA C 246 -16.20 18.68 -0.30
CA ALA C 246 -17.01 17.65 0.38
C ALA C 246 -18.22 18.28 1.04
N ARG C 247 -18.01 19.45 1.64
CA ARG C 247 -19.06 20.14 2.34
C ARG C 247 -20.09 20.68 1.35
N ALA C 248 -19.64 21.09 0.16
CA ALA C 248 -20.53 21.55 -0.89
C ALA C 248 -21.48 20.43 -1.34
N ILE C 249 -20.94 19.23 -1.51
CA ILE C 249 -21.75 18.07 -1.91
C ILE C 249 -22.74 17.73 -0.82
N PHE C 250 -22.26 17.77 0.41
CA PHE C 250 -23.08 17.53 1.60
C PHE C 250 -24.23 18.52 1.67
N ASP C 251 -23.94 19.81 1.46
CA ASP C 251 -24.96 20.85 1.56
C ASP C 251 -25.96 20.75 0.44
N SER C 252 -25.47 20.48 -0.75
CA SER C 252 -26.31 20.30 -1.92
C SER C 252 -27.35 19.19 -1.65
N LEU C 253 -26.89 18.03 -1.21
CA LEU C 253 -27.78 16.92 -0.88
C LEU C 253 -28.82 17.30 0.19
N HIS C 254 -28.37 18.00 1.23
CA HIS C 254 -29.28 18.53 2.27
C HIS C 254 -30.38 19.42 1.70
N GLN C 255 -30.02 20.30 0.77
CA GLN C 255 -31.01 21.18 0.13
C GLN C 255 -32.07 20.38 -0.61
N HIS C 256 -31.71 19.18 -1.06
CA HIS C 256 -32.62 18.26 -1.72
C HIS C 256 -33.33 17.30 -0.72
N ASN C 257 -33.28 17.61 0.58
CA ASN C 257 -33.99 16.84 1.65
C ASN C 257 -33.49 15.41 1.90
N ILE C 258 -32.27 15.16 1.46
CA ILE C 258 -31.57 13.94 1.78
C ILE C 258 -30.82 14.17 3.08
N THR C 259 -30.75 13.14 3.90
CA THR C 259 -30.18 13.26 5.23
C THR C 259 -28.98 12.35 5.43
N PHE C 260 -28.27 12.56 6.54
CA PHE C 260 -27.03 11.85 6.79
C PHE C 260 -26.99 11.23 8.18
N ALA C 261 -26.31 10.10 8.28
CA ALA C 261 -26.05 9.43 9.55
C ALA C 261 -24.57 9.21 9.68
N LEU C 262 -24.05 9.32 10.89
CA LEU C 262 -22.73 8.81 11.15
C LEU C 262 -22.95 7.39 11.60
N ASP C 263 -22.50 6.46 10.76
CA ASP C 263 -22.65 5.05 11.07
C ASP C 263 -21.56 4.53 11.98
N ASP C 264 -21.89 3.49 12.72
CA ASP C 264 -20.96 2.82 13.66
C ASP C 264 -20.21 3.83 14.50
N PHE C 265 -20.96 4.80 15.00
CA PHE C 265 -20.37 5.91 15.71
C PHE C 265 -19.63 5.38 16.93
N GLY C 266 -18.47 5.99 17.21
CA GLY C 266 -17.61 5.56 18.28
C GLY C 266 -16.52 4.58 17.88
N THR C 267 -16.45 4.23 16.58
CA THR C 267 -15.45 3.30 16.08
C THR C 267 -14.87 3.88 14.80
N GLY C 268 -13.72 3.34 14.38
CA GLY C 268 -13.02 3.82 13.20
C GLY C 268 -12.71 5.31 13.33
N TYR C 269 -13.10 6.07 12.31
CA TYR C 269 -12.89 7.50 12.26
C TYR C 269 -14.17 8.26 12.66
N ALA C 270 -15.15 7.55 13.20
CA ALA C 270 -16.41 8.18 13.59
C ALA C 270 -16.24 8.88 14.92
N THR C 271 -15.70 10.08 14.81
CA THR C 271 -15.29 10.91 15.95
C THR C 271 -16.14 12.17 16.07
N TYR C 272 -15.95 12.89 17.18
CA TYR C 272 -16.58 14.20 17.40
C TYR C 272 -16.30 15.11 16.24
N ARG C 273 -15.12 15.02 15.65
CA ARG C 273 -14.76 15.90 14.53
C ARG C 273 -15.74 15.81 13.36
N TYR C 274 -16.22 14.63 13.06
CA TYR C 274 -17.19 14.49 11.95
C TYR C 274 -18.50 15.18 12.22
N LEU C 275 -18.92 15.16 13.47
CA LEU C 275 -20.08 15.90 13.88
C LEU C 275 -19.85 17.41 13.80
N GLN C 276 -18.64 17.86 14.11
CA GLN C 276 -18.29 19.25 14.01
C GLN C 276 -18.22 19.72 12.54
N ALA C 277 -17.67 18.90 11.67
CA ALA C 277 -17.47 19.32 10.27
C ALA C 277 -18.76 19.24 9.45
N PHE C 278 -19.60 18.27 9.77
CA PHE C 278 -20.80 17.98 9.00
C PHE C 278 -22.03 17.90 9.91
N PRO C 279 -22.95 18.83 9.76
CA PRO C 279 -24.14 18.76 10.60
C PRO C 279 -25.07 17.62 10.12
N VAL C 280 -24.82 16.42 10.61
CA VAL C 280 -25.60 15.26 10.22
C VAL C 280 -26.92 15.23 10.97
N ASP C 281 -27.79 14.30 10.58
CA ASP C 281 -29.12 14.21 11.13
C ASP C 281 -29.32 13.03 12.09
N PHE C 282 -28.49 11.99 11.94
CA PHE C 282 -28.60 10.79 12.76
C PHE C 282 -27.23 10.33 13.21
N ILE C 283 -27.21 9.65 14.36
CA ILE C 283 -26.05 8.92 14.81
C ILE C 283 -26.53 7.50 15.04
N LYS C 284 -25.84 6.52 14.45
CA LYS C 284 -26.08 5.11 14.71
C LYS C 284 -25.01 4.59 15.63
N ILE C 285 -25.41 4.08 16.79
CA ILE C 285 -24.47 3.63 17.77
C ILE C 285 -23.92 2.27 17.39
N ASP C 286 -22.60 2.14 17.32
CA ASP C 286 -22.02 0.85 17.00
C ASP C 286 -22.52 -0.24 17.93
N LYS C 287 -22.71 -1.42 17.38
CA LYS C 287 -23.21 -2.54 18.17
C LYS C 287 -22.28 -2.93 19.37
N SER C 288 -20.99 -2.65 19.25
CA SER C 288 -20.06 -2.98 20.32
C SER C 288 -20.39 -2.25 21.65
N PHE C 289 -21.03 -1.08 21.57
CA PHE C 289 -21.49 -0.39 22.76
C PHE C 289 -22.87 -0.88 23.19
N VAL C 290 -23.75 -1.12 22.21
CA VAL C 290 -25.10 -1.60 22.51
C VAL C 290 -25.05 -2.92 23.26
N GLN C 291 -24.21 -3.82 22.79
CA GLN C 291 -24.17 -5.18 23.30
C GLN C 291 -23.32 -5.32 24.53
N MET C 292 -22.46 -4.34 24.81
CA MET C 292 -21.62 -4.39 26.00
C MET C 292 -22.15 -3.53 27.12
N ALA C 293 -23.17 -2.73 26.85
CA ALA C 293 -23.71 -1.85 27.87
C ALA C 293 -24.31 -2.75 28.97
N SER C 294 -23.77 -2.80 30.19
CA SER C 294 -24.24 -3.76 31.26
C SER C 294 -23.54 -5.17 31.25
N VAL C 295 -22.55 -5.34 30.41
CA VAL C 295 -21.54 -6.36 30.63
C VAL C 295 -20.35 -5.65 31.30
N ASP C 296 -19.88 -4.55 30.74
CA ASP C 296 -18.69 -3.83 31.26
C ASP C 296 -19.02 -2.58 32.10
N GLU C 297 -18.00 -1.76 32.37
CA GLU C 297 -18.08 -0.57 33.22
C GLU C 297 -18.26 0.78 32.49
N ILE C 298 -18.06 0.84 31.17
CA ILE C 298 -18.13 2.14 30.44
C ILE C 298 -19.08 2.16 29.27
N SER C 299 -19.39 1.01 28.70
CA SER C 299 -20.18 0.99 27.49
C SER C 299 -21.54 1.68 27.69
N GLY C 300 -22.19 1.43 28.82
CA GLY C 300 -23.46 2.06 29.13
C GLY C 300 -23.30 3.56 29.20
N HIS C 301 -22.21 3.99 29.85
CA HIS C 301 -21.85 5.40 29.98
C HIS C 301 -21.61 6.07 28.63
N ILE C 302 -20.97 5.34 27.74
CA ILE C 302 -20.77 5.79 26.35
C ILE C 302 -22.11 6.02 25.62
N VAL C 303 -23.05 5.10 25.78
CA VAL C 303 -24.36 5.29 25.15
C VAL C 303 -25.02 6.56 25.72
N ASP C 304 -24.96 6.74 27.03
CA ASP C 304 -25.50 7.98 27.64
C ASP C 304 -24.86 9.19 27.02
N ASN C 305 -23.57 9.08 26.78
CA ASN C 305 -22.83 10.16 26.21
C ASN C 305 -23.26 10.50 24.79
N ILE C 306 -23.55 9.48 24.01
CA ILE C 306 -24.04 9.65 22.65
C ILE C 306 -25.44 10.24 22.64
N VAL C 307 -26.26 9.81 23.59
CA VAL C 307 -27.57 10.43 23.78
C VAL C 307 -27.45 11.91 24.12
N GLU C 308 -26.54 12.26 25.02
CA GLU C 308 -26.39 13.70 25.42
C GLU C 308 -25.82 14.49 24.23
N LEU C 309 -24.91 13.87 23.49
CA LEU C 309 -24.29 14.50 22.32
C LEU C 309 -25.33 14.95 21.31
N ALA C 310 -26.31 14.09 21.07
CA ALA C 310 -27.29 14.31 20.03
C ALA C 310 -28.29 15.38 20.41
N ARG C 311 -28.52 15.52 21.71
CA ARG C 311 -29.65 16.29 22.17
C ARG C 311 -29.57 17.77 21.78
N LYS C 312 -28.40 18.39 21.89
CA LYS C 312 -28.31 19.83 21.61
C LYS C 312 -28.62 20.16 20.17
N PRO C 313 -27.88 19.59 19.21
CA PRO C 313 -28.25 19.84 17.81
C PRO C 313 -29.55 19.14 17.36
N GLY C 314 -30.15 18.29 18.19
CA GLY C 314 -31.45 17.67 17.87
C GLY C 314 -31.38 16.51 16.87
N LEU C 315 -30.32 15.71 16.95
CA LEU C 315 -30.15 14.53 16.11
C LEU C 315 -30.91 13.36 16.67
N SER C 316 -31.21 12.41 15.80
CA SER C 316 -31.83 11.17 16.25
C SER C 316 -30.80 10.05 16.31
N ILE C 317 -31.00 9.15 17.25
CA ILE C 317 -30.10 8.03 17.47
C ILE C 317 -30.75 6.71 17.11
N VAL C 318 -29.97 5.85 16.44
CA VAL C 318 -30.38 4.46 16.32
C VAL C 318 -29.36 3.51 16.95
N ALA C 319 -29.86 2.62 17.79
CA ALA C 319 -29.03 1.57 18.35
C ALA C 319 -28.98 0.40 17.36
N GLU C 320 -27.77 0.04 16.94
CA GLU C 320 -27.54 -1.10 16.03
C GLU C 320 -27.28 -2.36 16.82
N GLY C 321 -27.47 -3.51 16.19
CA GLY C 321 -27.10 -4.77 16.82
C GLY C 321 -27.92 -5.11 18.06
N VAL C 322 -29.13 -4.60 18.15
CA VAL C 322 -30.01 -4.98 19.26
C VAL C 322 -30.38 -6.47 19.14
N GLU C 323 -29.85 -7.29 20.04
CA GLU C 323 -29.98 -8.74 19.95
C GLU C 323 -30.86 -9.37 20.99
N THR C 324 -31.00 -8.73 22.15
CA THR C 324 -31.80 -9.30 23.23
C THR C 324 -32.76 -8.26 23.74
N GLN C 325 -33.80 -8.71 24.45
CA GLN C 325 -34.79 -7.78 24.99
C GLN C 325 -34.18 -6.87 26.04
N GLU C 326 -33.23 -7.37 26.82
CA GLU C 326 -32.62 -6.52 27.86
C GLU C 326 -31.77 -5.39 27.23
N GLN C 327 -31.08 -5.70 26.13
CA GLN C 327 -30.38 -4.67 25.37
C GLN C 327 -31.35 -3.61 24.87
N ALA C 328 -32.50 -4.03 24.38
CA ALA C 328 -33.46 -3.07 23.87
C ALA C 328 -33.98 -2.18 24.98
N ASP C 329 -34.42 -2.81 26.07
CA ASP C 329 -35.00 -2.07 27.19
C ASP C 329 -34.00 -1.03 27.66
N LEU C 330 -32.75 -1.44 27.73
CA LEU C 330 -31.68 -0.59 28.16
C LEU C 330 -31.51 0.63 27.22
N MET C 331 -31.51 0.36 25.91
CA MET C 331 -31.41 1.43 24.92
C MET C 331 -32.61 2.36 24.95
N ILE C 332 -33.79 1.80 25.07
CA ILE C 332 -35.02 2.59 25.16
C ILE C 332 -34.97 3.49 26.39
N GLY C 333 -34.64 2.91 27.54
CA GLY C 333 -34.53 3.66 28.79
C GLY C 333 -33.59 4.83 28.70
N LYS C 334 -32.48 4.66 27.97
CA LYS C 334 -31.46 5.71 27.83
C LYS C 334 -31.79 6.82 26.82
N GLY C 335 -32.96 6.74 26.15
CA GLY C 335 -33.44 7.82 25.28
C GLY C 335 -33.06 7.66 23.82
N VAL C 336 -32.75 6.45 23.42
CA VAL C 336 -32.48 6.17 22.01
C VAL C 336 -33.79 6.21 21.23
N HIS C 337 -33.76 6.73 19.99
CA HIS C 337 -34.97 6.99 19.22
C HIS C 337 -35.40 5.82 18.34
N PHE C 338 -34.44 5.11 17.75
CA PHE C 338 -34.73 4.02 16.83
C PHE C 338 -33.92 2.79 17.24
N LEU C 339 -34.42 1.61 16.86
CA LEU C 339 -33.78 0.34 17.18
C LEU C 339 -33.69 -0.53 15.96
N GLN C 340 -32.62 -1.31 15.92
CA GLN C 340 -32.34 -2.14 14.79
C GLN C 340 -31.53 -3.34 15.28
N GLY C 341 -31.86 -4.53 14.79
CA GLY C 341 -31.12 -5.75 15.17
C GLY C 341 -31.88 -7.05 15.08
N TYR C 342 -31.15 -8.13 15.33
CA TYR C 342 -31.63 -9.51 15.20
C TYR C 342 -32.76 -9.86 16.12
N LEU C 343 -32.93 -9.10 17.19
CA LEU C 343 -34.08 -9.31 18.06
C LEU C 343 -35.40 -9.12 17.29
N TYR C 344 -35.43 -8.19 16.35
CA TYR C 344 -36.64 -7.92 15.61
C TYR C 344 -36.58 -8.68 14.32
N SER C 345 -35.49 -8.48 13.59
CA SER C 345 -35.26 -9.21 12.39
C SER C 345 -33.86 -8.99 11.89
N PRO C 346 -33.24 -10.06 11.39
CA PRO C 346 -32.06 -9.85 10.61
C PRO C 346 -32.41 -9.21 9.28
N PRO C 347 -31.39 -8.86 8.51
CA PRO C 347 -31.68 -8.44 7.18
C PRO C 347 -32.36 -9.60 6.41
N VAL C 348 -33.26 -9.29 5.48
CA VAL C 348 -33.97 -10.34 4.70
C VAL C 348 -34.04 -9.93 3.23
N PRO C 349 -34.16 -10.91 2.34
CA PRO C 349 -34.42 -10.53 0.94
C PRO C 349 -35.59 -9.59 0.79
N GLY C 350 -35.54 -8.76 -0.24
CA GLY C 350 -36.55 -7.72 -0.46
C GLY C 350 -37.97 -8.21 -0.46
N ASN C 351 -38.23 -9.27 -1.21
CA ASN C 351 -39.58 -9.80 -1.27
C ASN C 351 -40.07 -10.18 0.12
N LYS C 352 -39.19 -10.76 0.92
CA LYS C 352 -39.55 -11.12 2.28
C LYS C 352 -39.68 -9.88 3.19
N PHE C 353 -38.90 -8.83 2.92
CA PHE C 353 -39.05 -7.61 3.65
C PHE C 353 -40.47 -7.06 3.40
N ILE C 354 -40.85 -7.02 2.13
CA ILE C 354 -42.14 -6.49 1.77
C ILE C 354 -43.27 -7.33 2.39
N SER C 355 -43.16 -8.63 2.21
CA SER C 355 -44.16 -9.55 2.73
C SER C 355 -44.28 -9.54 4.25
N GLU C 356 -43.17 -9.46 4.97
CA GLU C 356 -43.21 -9.49 6.44
C GLU C 356 -43.50 -8.14 7.07
N TRP C 357 -42.87 -7.08 6.57
CA TRP C 357 -42.92 -5.80 7.28
C TRP C 357 -43.76 -4.70 6.61
N VAL C 358 -44.00 -4.79 5.32
CA VAL C 358 -44.82 -3.78 4.64
C VAL C 358 -46.25 -4.25 4.41
N MET C 359 -46.40 -5.33 3.64
CA MET C 359 -47.70 -5.86 3.15
C MET C 359 -48.30 -6.79 4.22
N LYS C 360 -48.50 -6.27 5.44
CA LYS C 360 -48.79 -7.03 6.70
C LYS C 360 -47.70 -6.79 7.76
N ILE D 108 -12.67 12.64 -13.68
CA ILE D 108 -12.38 12.64 -15.15
C ILE D 108 -12.48 11.20 -15.71
N VAL D 109 -11.43 10.37 -15.52
CA VAL D 109 -11.44 8.91 -15.73
C VAL D 109 -11.54 8.09 -14.43
N THR D 110 -12.71 7.49 -14.20
CA THR D 110 -13.01 6.72 -13.00
C THR D 110 -13.47 5.29 -13.35
N PRO D 111 -13.52 4.40 -12.35
CA PRO D 111 -14.10 3.08 -12.61
C PRO D 111 -15.57 3.14 -13.05
N GLU D 112 -16.33 4.06 -12.49
CA GLU D 112 -17.70 4.18 -12.89
C GLU D 112 -17.84 4.69 -14.32
N ALA D 113 -16.96 5.59 -14.72
CA ALA D 113 -16.98 6.10 -16.09
C ALA D 113 -16.59 4.97 -17.06
N ILE D 114 -15.62 4.13 -16.66
CA ILE D 114 -15.29 2.96 -17.47
C ILE D 114 -16.44 1.96 -17.56
N SER D 115 -17.13 1.72 -16.46
CA SER D 115 -18.29 0.83 -16.46
C SER D 115 -19.34 1.36 -17.44
N LEU D 116 -19.67 2.64 -17.28
CA LEU D 116 -20.70 3.30 -18.11
C LEU D 116 -20.29 3.22 -19.57
N ALA D 117 -19.01 3.46 -19.84
CA ALA D 117 -18.49 3.42 -21.20
C ALA D 117 -18.60 2.01 -21.79
N LEU D 118 -18.44 0.97 -20.97
CA LEU D 118 -18.56 -0.40 -21.46
C LEU D 118 -20.01 -0.64 -21.84
N GLU D 119 -20.94 -0.29 -20.97
CA GLU D 119 -22.38 -0.42 -21.28
C GLU D 119 -22.80 0.36 -22.53
N ASN D 120 -22.21 1.53 -22.73
CA ASN D 120 -22.48 2.37 -23.90
C ASN D 120 -21.62 2.00 -25.12
N HIS D 121 -20.93 0.87 -25.06
N HIS D 121 -20.93 0.86 -25.04
CA HIS D 121 -20.11 0.39 -26.17
CA HIS D 121 -20.06 0.35 -26.13
C HIS D 121 -19.11 1.41 -26.73
C HIS D 121 -19.11 1.40 -26.73
N GLU D 122 -18.49 2.21 -25.87
CA GLU D 122 -17.55 3.24 -26.31
C GLU D 122 -16.13 2.72 -26.55
N PHE D 123 -15.88 1.47 -26.13
CA PHE D 123 -14.57 0.82 -26.30
C PHE D 123 -14.59 -0.02 -27.56
N LYS D 124 -13.84 0.41 -28.56
CA LYS D 124 -13.86 -0.28 -29.87
C LYS D 124 -12.63 -1.10 -30.18
N PRO D 125 -12.80 -2.32 -30.83
CA PRO D 125 -11.64 -3.09 -31.26
C PRO D 125 -11.12 -2.47 -32.52
N TRP D 126 -9.94 -1.88 -32.45
CA TRP D 126 -9.15 -1.49 -33.61
C TRP D 126 -8.15 -2.62 -33.83
N ILE D 127 -7.71 -2.80 -35.05
CA ILE D 127 -6.98 -3.97 -35.42
C ILE D 127 -5.76 -3.52 -36.19
N GLN D 128 -4.59 -4.04 -35.80
CA GLN D 128 -3.36 -3.67 -36.51
C GLN D 128 -2.82 -4.90 -37.22
N PRO D 129 -2.59 -4.78 -38.52
CA PRO D 129 -2.02 -5.93 -39.19
C PRO D 129 -0.57 -6.26 -38.77
N VAL D 130 -0.24 -7.55 -38.88
CA VAL D 130 1.10 -8.11 -38.70
C VAL D 130 1.52 -8.91 -39.92
N PHE D 131 2.80 -8.82 -40.25
CA PHE D 131 3.32 -9.31 -41.51
C PHE D 131 4.53 -10.21 -41.36
N CYS D 132 4.71 -11.08 -42.35
CA CYS D 132 5.90 -11.93 -42.47
C CYS D 132 7.07 -11.02 -42.84
N ALA D 133 8.15 -11.11 -42.07
CA ALA D 133 9.31 -10.24 -42.24
C ALA D 133 10.06 -10.55 -43.55
N GLN D 134 10.18 -11.84 -43.85
CA GLN D 134 10.77 -12.35 -45.09
C GLN D 134 10.09 -11.83 -46.36
N THR D 135 8.76 -11.88 -46.41
CA THR D 135 8.01 -11.68 -47.66
C THR D 135 7.11 -10.45 -47.72
N GLY D 136 6.82 -9.83 -46.58
CA GLY D 136 5.90 -8.68 -46.54
C GLY D 136 4.42 -9.05 -46.49
N VAL D 137 4.12 -10.35 -46.49
CA VAL D 137 2.74 -10.88 -46.60
C VAL D 137 2.00 -10.80 -45.27
N LEU D 138 0.69 -10.55 -45.33
CA LEU D 138 -0.16 -10.52 -44.14
C LEU D 138 -0.25 -11.89 -43.47
N THR D 139 0.11 -11.96 -42.18
CA THR D 139 0.09 -13.22 -41.44
C THR D 139 -0.87 -13.19 -40.25
N GLY D 140 -1.29 -12.00 -39.84
CA GLY D 140 -2.14 -11.90 -38.67
C GLY D 140 -2.45 -10.47 -38.27
N CYS D 141 -2.90 -10.31 -37.04
CA CYS D 141 -3.23 -9.00 -36.53
C CYS D 141 -3.16 -8.98 -35.03
N GLU D 142 -3.14 -7.78 -34.47
CA GLU D 142 -3.34 -7.57 -33.06
C GLU D 142 -4.60 -6.75 -32.88
N VAL D 143 -5.37 -7.14 -31.88
CA VAL D 143 -6.55 -6.39 -31.49
C VAL D 143 -6.25 -5.41 -30.36
N LEU D 144 -6.42 -4.12 -30.65
CA LEU D 144 -6.22 -3.06 -29.70
C LEU D 144 -7.51 -2.33 -29.44
N VAL D 145 -7.56 -1.70 -28.29
CA VAL D 145 -8.73 -1.03 -27.81
C VAL D 145 -8.57 0.50 -27.93
N ARG D 146 -9.65 1.15 -28.38
CA ARG D 146 -9.71 2.62 -28.43
C ARG D 146 -10.97 3.09 -27.75
N TRP D 147 -10.84 4.06 -26.83
CA TRP D 147 -11.99 4.67 -26.16
C TRP D 147 -12.35 5.97 -26.85
N GLU D 148 -13.47 5.94 -27.57
CA GLU D 148 -14.02 7.14 -28.22
C GLU D 148 -15.11 7.72 -27.35
N HIS D 149 -14.77 8.78 -26.62
CA HIS D 149 -15.72 9.44 -25.74
C HIS D 149 -16.56 10.32 -26.62
N PRO D 150 -17.89 10.19 -26.54
CA PRO D 150 -18.75 10.84 -27.53
C PRO D 150 -18.54 12.37 -27.77
N GLN D 151 -18.24 13.15 -26.74
CA GLN D 151 -18.08 14.61 -26.89
C GLN D 151 -16.62 15.01 -27.10
N THR D 152 -15.77 14.53 -26.21
CA THR D 152 -14.43 15.01 -26.02
C THR D 152 -13.36 14.25 -26.83
N GLY D 153 -13.68 13.05 -27.32
CA GLY D 153 -12.82 12.33 -28.26
C GLY D 153 -12.01 11.23 -27.62
N ILE D 154 -10.78 11.04 -28.10
CA ILE D 154 -10.07 9.84 -27.74
C ILE D 154 -9.54 9.99 -26.34
N ILE D 155 -9.67 8.91 -25.59
CA ILE D 155 -8.93 8.73 -24.37
C ILE D 155 -8.02 7.55 -24.62
N PRO D 156 -6.72 7.79 -24.61
CA PRO D 156 -5.82 6.75 -25.06
C PRO D 156 -5.59 5.71 -23.97
N PRO D 157 -5.21 4.49 -24.38
CA PRO D 157 -4.99 3.37 -23.46
C PRO D 157 -4.21 3.73 -22.20
N ASP D 158 -3.18 4.57 -22.33
CA ASP D 158 -2.34 4.95 -21.17
C ASP D 158 -3.13 5.54 -20.03
N GLN D 159 -4.28 6.14 -20.30
CA GLN D 159 -5.10 6.80 -19.28
C GLN D 159 -6.20 5.96 -18.68
N PHE D 160 -6.53 4.82 -19.29
CA PHE D 160 -7.60 4.00 -18.76
C PHE D 160 -7.24 2.54 -18.46
N ILE D 161 -6.27 1.99 -19.17
CA ILE D 161 -5.93 0.59 -19.00
C ILE D 161 -5.53 0.31 -17.55
N PRO D 162 -4.65 1.14 -16.98
CA PRO D 162 -4.22 0.86 -15.61
C PRO D 162 -5.37 0.78 -14.62
N LEU D 163 -6.30 1.70 -14.75
CA LEU D 163 -7.47 1.74 -13.90
C LEU D 163 -8.47 0.61 -14.22
N ALA D 164 -8.54 0.24 -15.49
CA ALA D 164 -9.27 -0.94 -15.88
C ALA D 164 -8.70 -2.17 -15.20
N GLU D 165 -7.40 -2.24 -15.14
CA GLU D 165 -6.68 -3.36 -14.55
C GLU D 165 -6.86 -3.42 -13.00
N SER D 166 -6.61 -2.32 -12.33
CA SER D 166 -6.73 -2.30 -10.88
C SER D 166 -8.18 -2.46 -10.43
N SER D 167 -9.12 -1.90 -11.18
CA SER D 167 -10.56 -2.05 -10.85
C SER D 167 -11.10 -3.43 -11.17
N GLY D 168 -10.41 -4.14 -12.07
CA GLY D 168 -10.86 -5.46 -12.54
C GLY D 168 -11.73 -5.40 -13.78
N LEU D 169 -12.20 -4.22 -14.17
CA LEU D 169 -13.07 -4.05 -15.33
C LEU D 169 -12.44 -4.52 -16.63
N ILE D 170 -11.11 -4.64 -16.63
CA ILE D 170 -10.39 -5.17 -17.79
C ILE D 170 -10.95 -6.51 -18.24
N VAL D 171 -11.40 -7.34 -17.30
N VAL D 171 -11.40 -7.32 -17.30
CA VAL D 171 -11.92 -8.65 -17.65
CA VAL D 171 -11.91 -8.62 -17.65
C VAL D 171 -13.13 -8.53 -18.57
C VAL D 171 -13.12 -8.53 -18.57
N ILE D 172 -13.99 -7.56 -18.29
CA ILE D 172 -15.18 -7.36 -19.09
C ILE D 172 -14.76 -6.83 -20.46
N MET D 173 -13.89 -5.84 -20.43
CA MET D 173 -13.45 -5.16 -21.63
C MET D 173 -12.82 -6.17 -22.59
N THR D 174 -11.94 -7.02 -22.07
CA THR D 174 -11.26 -8.01 -22.90
C THR D 174 -12.24 -9.03 -23.44
N ARG D 175 -13.18 -9.46 -22.61
CA ARG D 175 -14.20 -10.36 -23.09
C ARG D 175 -14.97 -9.73 -24.27
N GLN D 176 -15.37 -8.46 -24.14
CA GLN D 176 -16.15 -7.80 -25.18
C GLN D 176 -15.34 -7.67 -26.44
N LEU D 177 -14.08 -7.33 -26.29
CA LEU D 177 -13.20 -7.16 -27.40
C LEU D 177 -13.05 -8.47 -28.20
N MET D 178 -12.94 -9.58 -27.48
CA MET D 178 -12.81 -10.89 -28.11
C MET D 178 -14.04 -11.26 -28.86
N LYS D 179 -15.19 -11.01 -28.25
CA LYS D 179 -16.46 -11.24 -28.88
C LYS D 179 -16.61 -10.39 -30.16
N GLN D 180 -16.30 -9.10 -30.06
CA GLN D 180 -16.45 -8.20 -31.18
C GLN D 180 -15.49 -8.51 -32.33
N THR D 181 -14.35 -9.10 -32.02
CA THR D 181 -13.38 -9.45 -33.02
C THR D 181 -13.84 -10.62 -33.84
N ALA D 182 -14.45 -11.59 -33.17
CA ALA D 182 -15.13 -12.69 -33.84
C ALA D 182 -16.21 -12.18 -34.79
N ASP D 183 -17.06 -11.27 -34.33
CA ASP D 183 -18.12 -10.69 -35.18
C ASP D 183 -17.52 -10.00 -36.40
N ILE D 184 -16.43 -9.25 -36.21
CA ILE D 184 -15.83 -8.50 -37.30
C ILE D 184 -15.23 -9.40 -38.36
N LEU D 185 -14.54 -10.45 -37.94
CA LEU D 185 -13.82 -11.31 -38.88
C LEU D 185 -14.62 -12.50 -39.41
N MET D 186 -15.74 -12.83 -38.78
CA MET D 186 -16.51 -13.99 -39.21
C MET D 186 -16.95 -13.94 -40.68
N PRO D 187 -17.49 -12.79 -41.13
CA PRO D 187 -17.97 -12.70 -42.51
C PRO D 187 -16.89 -12.90 -43.52
N VAL D 188 -15.64 -12.66 -43.14
CA VAL D 188 -14.54 -12.73 -44.09
C VAL D 188 -13.53 -13.84 -43.77
N LYS D 189 -13.87 -14.73 -42.84
CA LYS D 189 -12.92 -15.75 -42.40
C LYS D 189 -12.41 -16.66 -43.52
N HIS D 190 -13.25 -16.93 -44.51
CA HIS D 190 -12.84 -17.72 -45.66
C HIS D 190 -11.80 -17.00 -46.53
N LEU D 191 -11.69 -15.68 -46.37
CA LEU D 191 -10.70 -14.88 -47.11
C LEU D 191 -9.39 -14.72 -46.40
N LEU D 192 -9.32 -15.15 -45.14
CA LEU D 192 -8.09 -14.99 -44.36
C LEU D 192 -7.07 -16.00 -44.82
N PRO D 193 -5.79 -15.60 -44.85
CA PRO D 193 -4.77 -16.59 -45.09
C PRO D 193 -4.84 -17.73 -44.07
N ASP D 194 -4.26 -18.88 -44.43
CA ASP D 194 -4.16 -20.01 -43.54
C ASP D 194 -3.29 -19.61 -42.38
N ASN D 195 -3.60 -20.16 -41.21
CA ASN D 195 -2.82 -19.92 -40.01
C ASN D 195 -2.74 -18.42 -39.66
N PHE D 196 -3.90 -17.76 -39.77
CA PHE D 196 -3.98 -16.33 -39.53
C PHE D 196 -3.98 -16.05 -38.05
N HIS D 197 -3.02 -15.24 -37.62
CA HIS D 197 -2.83 -15.03 -36.17
C HIS D 197 -3.65 -13.89 -35.64
N ILE D 198 -4.26 -14.11 -34.49
CA ILE D 198 -5.05 -13.08 -33.82
C ILE D 198 -4.48 -12.89 -32.46
N GLY D 199 -3.92 -11.71 -32.27
CA GLY D 199 -3.32 -11.33 -31.04
C GLY D 199 -4.27 -10.57 -30.14
N ILE D 200 -4.47 -11.12 -28.96
CA ILE D 200 -5.26 -10.50 -27.92
C ILE D 200 -4.36 -10.22 -26.66
N ASN D 201 -4.40 -8.98 -26.16
CA ASN D 201 -3.66 -8.60 -24.96
C ASN D 201 -4.35 -9.10 -23.70
N VAL D 202 -3.66 -9.92 -22.92
CA VAL D 202 -4.18 -10.59 -21.72
C VAL D 202 -3.37 -10.32 -20.46
N SER D 203 -4.01 -9.78 -19.43
CA SER D 203 -3.35 -9.58 -18.14
C SER D 203 -3.61 -10.79 -17.25
N ALA D 204 -2.90 -10.87 -16.13
CA ALA D 204 -3.04 -11.98 -15.16
C ALA D 204 -4.46 -12.10 -14.67
N GLY D 205 -5.06 -10.94 -14.35
CA GLY D 205 -6.47 -10.89 -13.93
C GLY D 205 -7.39 -11.56 -14.91
N CYS D 206 -7.24 -11.33 -16.22
CA CYS D 206 -8.14 -11.94 -17.24
C CYS D 206 -7.85 -13.44 -17.31
N PHE D 207 -6.55 -13.75 -17.34
CA PHE D 207 -6.08 -15.13 -17.50
C PHE D 207 -6.58 -16.03 -16.36
N LEU D 208 -6.70 -15.47 -15.15
CA LEU D 208 -7.13 -16.24 -13.99
C LEU D 208 -8.60 -16.19 -13.66
N ALA D 209 -9.33 -15.33 -14.38
CA ALA D 209 -10.73 -15.17 -14.12
C ALA D 209 -11.54 -16.39 -14.57
N ALA D 210 -12.54 -16.73 -13.77
CA ALA D 210 -13.52 -17.74 -14.16
C ALA D 210 -14.07 -17.45 -15.56
N GLY D 211 -14.10 -18.47 -16.42
CA GLY D 211 -14.68 -18.36 -17.75
C GLY D 211 -13.73 -17.94 -18.86
N PHE D 212 -12.45 -17.73 -18.53
CA PHE D 212 -11.53 -17.26 -19.56
C PHE D 212 -11.32 -18.26 -20.69
N GLU D 213 -11.02 -19.50 -20.34
CA GLU D 213 -10.79 -20.52 -21.35
C GLU D 213 -11.98 -20.63 -22.30
N LYS D 214 -13.17 -20.54 -21.75
CA LYS D 214 -14.38 -20.66 -22.56
C LYS D 214 -14.47 -19.55 -23.60
N GLU D 215 -14.14 -18.33 -23.19
CA GLU D 215 -14.18 -17.20 -24.10
C GLU D 215 -13.20 -17.39 -25.25
N CYS D 216 -12.04 -18.01 -24.96
CA CYS D 216 -11.03 -18.22 -26.01
C CYS D 216 -11.52 -19.25 -27.03
N LEU D 217 -12.14 -20.31 -26.52
CA LEU D 217 -12.73 -21.35 -27.39
C LEU D 217 -13.84 -20.82 -28.27
N ASN D 218 -14.72 -20.01 -27.69
CA ASN D 218 -15.78 -19.42 -28.47
C ASN D 218 -15.24 -18.64 -29.65
N LEU D 219 -14.16 -17.90 -29.44
CA LEU D 219 -13.55 -17.13 -30.52
C LEU D 219 -13.02 -18.06 -31.62
N VAL D 220 -12.36 -19.12 -31.19
CA VAL D 220 -11.69 -20.00 -32.13
C VAL D 220 -12.71 -20.85 -32.90
N ASN D 221 -13.75 -21.31 -32.20
CA ASN D 221 -14.76 -22.11 -32.85
C ASN D 221 -15.55 -21.30 -33.87
N LYS D 222 -15.90 -20.07 -33.53
CA LYS D 222 -16.59 -19.20 -34.47
C LYS D 222 -15.80 -18.94 -35.75
N LEU D 223 -14.49 -18.91 -35.64
CA LEU D 223 -13.66 -18.51 -36.77
C LEU D 223 -13.01 -19.67 -37.52
N GLY D 224 -13.03 -20.85 -36.94
CA GLY D 224 -12.41 -22.01 -37.57
C GLY D 224 -11.21 -22.48 -36.79
N ASN D 225 -11.44 -23.53 -36.01
CA ASN D 225 -10.40 -24.22 -35.24
C ASN D 225 -9.02 -24.32 -35.89
N ASP D 226 -8.99 -24.47 -37.20
CA ASP D 226 -7.75 -24.76 -37.94
C ASP D 226 -7.36 -23.69 -38.96
N LYS D 227 -8.28 -22.79 -39.32
CA LYS D 227 -7.94 -21.63 -40.13
C LYS D 227 -7.13 -20.61 -39.31
N ILE D 228 -7.51 -20.37 -38.05
CA ILE D 228 -6.86 -19.31 -37.26
C ILE D 228 -6.07 -19.81 -36.08
N LYS D 229 -5.16 -18.95 -35.64
CA LYS D 229 -4.37 -19.20 -34.49
C LYS D 229 -4.57 -18.02 -33.54
N LEU D 230 -5.15 -18.32 -32.38
CA LEU D 230 -5.30 -17.34 -31.33
C LEU D 230 -3.98 -17.24 -30.54
N VAL D 231 -3.49 -16.02 -30.41
CA VAL D 231 -2.27 -15.71 -29.67
C VAL D 231 -2.60 -14.81 -28.50
N LEU D 232 -2.51 -15.36 -27.31
CA LEU D 232 -2.71 -14.58 -26.09
C LEU D 232 -1.40 -13.87 -25.76
N GLU D 233 -1.42 -12.54 -25.89
CA GLU D 233 -0.28 -11.71 -25.69
C GLU D 233 -0.21 -11.30 -24.22
N LEU D 234 0.60 -12.00 -23.44
CA LEU D 234 0.67 -11.80 -21.99
C LEU D 234 1.38 -10.49 -21.71
N THR D 235 0.79 -9.64 -20.90
CA THR D 235 1.34 -8.33 -20.63
C THR D 235 2.52 -8.38 -19.67
N GLU D 236 3.34 -7.35 -19.77
CA GLU D 236 4.51 -7.20 -18.94
C GLU D 236 4.22 -6.56 -17.59
N ARG D 237 3.08 -5.89 -17.42
CA ARG D 237 2.80 -5.11 -16.21
C ARG D 237 2.25 -6.00 -15.12
N ASN D 238 1.44 -6.94 -15.52
CA ASN D 238 0.65 -7.72 -14.56
C ASN D 238 0.87 -9.17 -14.90
N PRO D 239 2.07 -9.65 -14.59
CA PRO D 239 2.47 -10.96 -15.00
C PRO D 239 1.66 -12.09 -14.37
N ILE D 240 1.53 -13.19 -15.10
CA ILE D 240 0.84 -14.36 -14.57
C ILE D 240 1.66 -14.92 -13.41
N PRO D 241 1.01 -15.33 -12.31
CA PRO D 241 1.84 -15.82 -11.22
C PRO D 241 2.40 -17.17 -11.58
N VAL D 242 3.54 -17.51 -11.00
CA VAL D 242 4.25 -18.72 -11.35
C VAL D 242 3.78 -19.81 -10.41
N THR D 243 2.59 -20.35 -10.63
CA THR D 243 1.99 -21.32 -9.72
C THR D 243 1.48 -22.51 -10.50
N PRO D 244 1.27 -23.65 -9.81
CA PRO D 244 0.68 -24.82 -10.47
C PRO D 244 -0.64 -24.53 -11.15
N GLU D 245 -1.50 -23.74 -10.50
CA GLU D 245 -2.84 -23.46 -11.03
C GLU D 245 -2.79 -22.64 -12.32
N ALA D 246 -1.88 -21.68 -12.36
CA ALA D 246 -1.63 -20.86 -13.56
C ALA D 246 -1.13 -21.72 -14.70
N ARG D 247 -0.25 -22.65 -14.36
CA ARG D 247 0.35 -23.53 -15.34
C ARG D 247 -0.69 -24.51 -15.89
N ALA D 248 -1.63 -24.93 -15.04
CA ALA D 248 -2.72 -25.80 -15.46
C ALA D 248 -3.61 -25.11 -16.51
N ILE D 249 -3.93 -23.85 -16.27
CA ILE D 249 -4.75 -23.07 -17.21
C ILE D 249 -3.99 -22.90 -18.53
N PHE D 250 -2.71 -22.59 -18.40
CA PHE D 250 -1.82 -22.44 -19.54
C PHE D 250 -1.78 -23.71 -20.37
N ASP D 251 -1.61 -24.87 -19.72
CA ASP D 251 -1.50 -26.15 -20.41
C ASP D 251 -2.81 -26.54 -21.06
N SER D 252 -3.90 -26.31 -20.34
CA SER D 252 -5.23 -26.57 -20.85
C SER D 252 -5.45 -25.82 -22.17
N LEU D 253 -5.20 -24.51 -22.18
CA LEU D 253 -5.32 -23.70 -23.39
C LEU D 253 -4.45 -24.22 -24.53
N HIS D 254 -3.20 -24.58 -24.22
CA HIS D 254 -2.30 -25.20 -25.21
C HIS D 254 -2.86 -26.46 -25.84
N GLN D 255 -3.48 -27.32 -25.02
CA GLN D 255 -4.09 -28.55 -25.53
C GLN D 255 -5.21 -28.25 -26.53
N HIS D 256 -5.83 -27.08 -26.37
CA HIS D 256 -6.86 -26.59 -27.28
C HIS D 256 -6.28 -25.76 -28.47
N ASN D 257 -4.97 -25.83 -28.69
CA ASN D 257 -4.28 -25.17 -29.84
C ASN D 257 -4.26 -23.64 -29.83
N ILE D 258 -4.47 -23.08 -28.64
CA ILE D 258 -4.29 -21.68 -28.39
C ILE D 258 -2.84 -21.46 -28.00
N THR D 259 -2.28 -20.34 -28.43
CA THR D 259 -0.87 -20.08 -28.23
C THR D 259 -0.63 -18.82 -27.41
N PHE D 260 0.62 -18.63 -27.01
CA PHE D 260 0.98 -17.55 -26.10
C PHE D 260 2.17 -16.73 -26.61
N ALA D 261 2.15 -15.44 -26.30
CA ALA D 261 3.26 -14.55 -26.58
C ALA D 261 3.66 -13.86 -25.31
N LEU D 262 4.95 -13.62 -25.13
CA LEU D 262 5.36 -12.69 -24.11
C LEU D 262 5.41 -11.35 -24.81
N ASP D 263 4.51 -10.47 -24.42
CA ASP D 263 4.44 -9.15 -25.00
C ASP D 263 5.43 -8.18 -24.37
N ASP D 264 5.83 -7.19 -25.16
CA ASP D 264 6.76 -6.13 -24.72
C ASP D 264 7.96 -6.72 -23.99
N PHE D 265 8.49 -7.79 -24.56
CA PHE D 265 9.55 -8.53 -23.93
C PHE D 265 10.73 -7.63 -23.72
N GLY D 266 11.39 -7.79 -22.55
CA GLY D 266 12.50 -6.96 -22.17
C GLY D 266 12.13 -5.77 -21.31
N THR D 267 10.84 -5.61 -20.98
CA THR D 267 10.37 -4.51 -20.15
C THR D 267 9.40 -5.06 -19.12
N GLY D 268 9.13 -4.27 -18.08
CA GLY D 268 8.28 -4.68 -16.99
C GLY D 268 8.80 -5.95 -16.35
N TYR D 269 7.92 -6.94 -16.23
CA TYR D 269 8.23 -8.24 -15.65
C TYR D 269 8.52 -9.29 -16.74
N ALA D 270 8.67 -8.84 -17.99
CA ALA D 270 8.89 -9.76 -19.09
C ALA D 270 10.35 -10.16 -19.12
N THR D 271 10.64 -11.13 -18.27
CA THR D 271 12.00 -11.62 -17.99
C THR D 271 12.23 -13.05 -18.48
N TYR D 272 13.48 -13.49 -18.41
CA TYR D 272 13.83 -14.88 -18.71
C TYR D 272 13.00 -15.82 -17.90
N ARG D 273 12.68 -15.47 -16.67
CA ARG D 273 11.89 -16.35 -15.80
C ARG D 273 10.56 -16.76 -16.41
N TYR D 274 9.89 -15.83 -17.09
CA TYR D 274 8.60 -16.17 -17.72
C TYR D 274 8.73 -17.19 -18.82
N LEU D 275 9.83 -17.10 -19.55
CA LEU D 275 10.12 -18.10 -20.55
C LEU D 275 10.44 -19.47 -19.92
N GLN D 276 11.10 -19.46 -18.77
CA GLN D 276 11.40 -20.67 -18.06
C GLN D 276 10.13 -21.31 -17.46
N ALA D 277 9.23 -20.51 -16.92
CA ALA D 277 8.05 -21.05 -16.25
C ALA D 277 6.96 -21.50 -17.24
N PHE D 278 6.86 -20.80 -18.36
CA PHE D 278 5.81 -21.02 -19.34
C PHE D 278 6.40 -21.19 -20.75
N PRO D 279 6.26 -22.37 -21.31
CA PRO D 279 6.79 -22.54 -22.66
C PRO D 279 5.86 -21.83 -23.69
N VAL D 280 6.12 -20.55 -23.91
CA VAL D 280 5.32 -19.77 -24.83
C VAL D 280 5.74 -20.04 -26.27
N ASP D 281 4.97 -19.50 -27.20
CA ASP D 281 5.18 -19.74 -28.61
C ASP D 281 5.78 -18.55 -29.36
N PHE D 282 5.58 -17.34 -28.83
CA PHE D 282 6.07 -16.12 -29.47
C PHE D 282 6.69 -15.19 -28.44
N ILE D 283 7.62 -14.38 -28.92
CA ILE D 283 8.13 -13.26 -28.16
C ILE D 283 7.92 -12.04 -29.04
N LYS D 284 7.30 -10.99 -28.49
CA LYS D 284 7.18 -9.71 -29.15
C LYS D 284 8.16 -8.74 -28.55
N ILE D 285 9.06 -8.22 -29.36
CA ILE D 285 10.09 -7.35 -28.88
C ILE D 285 9.54 -5.98 -28.63
N ASP D 286 9.74 -5.45 -27.43
CA ASP D 286 9.26 -4.11 -27.14
C ASP D 286 9.80 -3.09 -28.13
N LYS D 287 8.96 -2.13 -28.47
CA LYS D 287 9.35 -1.11 -29.44
C LYS D 287 10.60 -0.27 -29.01
N SER D 288 10.83 -0.15 -27.70
CA SER D 288 11.97 0.61 -27.23
C SER D 288 13.33 0.02 -27.71
N PHE D 289 13.38 -1.28 -27.96
CA PHE D 289 14.57 -1.90 -28.54
C PHE D 289 14.56 -1.79 -30.06
N VAL D 290 13.39 -1.99 -30.67
CA VAL D 290 13.27 -1.93 -32.14
C VAL D 290 13.69 -0.55 -32.63
N GLN D 291 13.22 0.48 -31.97
CA GLN D 291 13.42 1.85 -32.41
C GLN D 291 14.73 2.43 -32.01
N MET D 292 15.40 1.83 -31.03
CA MET D 292 16.71 2.31 -30.59
C MET D 292 17.85 1.52 -31.16
N ALA D 293 17.56 0.40 -31.83
CA ALA D 293 18.61 -0.43 -32.38
C ALA D 293 19.32 0.39 -33.46
N SER D 294 20.59 0.79 -33.32
CA SER D 294 21.29 1.72 -34.29
C SER D 294 21.11 3.24 -34.01
N VAL D 295 20.49 3.59 -32.89
CA VAL D 295 20.67 4.90 -32.30
C VAL D 295 21.74 4.71 -31.19
N ASP D 296 21.55 3.73 -30.32
CA ASP D 296 22.46 3.51 -29.17
C ASP D 296 23.47 2.36 -29.38
N GLU D 297 24.13 1.94 -28.29
CA GLU D 297 25.20 0.93 -28.29
C GLU D 297 24.78 -0.50 -27.91
N ILE D 298 23.58 -0.70 -27.34
CA ILE D 298 23.16 -2.05 -26.86
C ILE D 298 21.84 -2.54 -27.42
N SER D 299 20.99 -1.65 -27.85
CA SER D 299 19.65 -2.06 -28.26
C SER D 299 19.71 -3.09 -29.39
N GLY D 300 20.59 -2.88 -30.37
CA GLY D 300 20.75 -3.83 -31.46
C GLY D 300 21.19 -5.17 -30.94
N HIS D 301 22.14 -5.15 -30.00
CA HIS D 301 22.66 -6.33 -29.34
C HIS D 301 21.58 -7.09 -28.56
N ILE D 302 20.70 -6.34 -27.92
CA ILE D 302 19.54 -6.91 -27.24
C ILE D 302 18.60 -7.66 -28.21
N VAL D 303 18.35 -7.07 -29.38
CA VAL D 303 17.50 -7.76 -30.37
C VAL D 303 18.18 -9.06 -30.79
N ASP D 304 19.49 -9.01 -31.05
CA ASP D 304 20.24 -10.24 -31.40
C ASP D 304 20.06 -11.28 -30.33
N ASN D 305 20.08 -10.81 -29.08
CA ASN D 305 19.94 -11.68 -27.95
C ASN D 305 18.58 -12.35 -27.89
N ILE D 306 17.54 -11.60 -28.21
CA ILE D 306 16.18 -12.13 -28.25
C ILE D 306 16.01 -13.11 -29.38
N VAL D 307 16.64 -12.82 -30.52
CA VAL D 307 16.66 -13.77 -31.61
C VAL D 307 17.36 -15.07 -31.22
N GLU D 308 18.49 -14.99 -30.52
CA GLU D 308 19.23 -16.22 -30.12
C GLU D 308 18.40 -16.98 -29.06
N LEU D 309 17.75 -16.23 -28.18
CA LEU D 309 16.92 -16.79 -27.12
C LEU D 309 15.84 -17.70 -27.69
N ALA D 310 15.20 -17.23 -28.76
CA ALA D 310 14.06 -17.90 -29.32
C ALA D 310 14.44 -19.15 -30.07
N ARG D 311 15.65 -19.17 -30.60
CA ARG D 311 16.03 -20.16 -31.57
C ARG D 311 16.00 -21.58 -31.01
N LYS D 312 16.50 -21.79 -29.79
CA LYS D 312 16.58 -23.16 -29.25
C LYS D 312 15.22 -23.78 -29.06
N PRO D 313 14.34 -23.16 -28.26
CA PRO D 313 12.99 -23.73 -28.16
C PRO D 313 12.11 -23.55 -29.42
N GLY D 314 12.58 -22.80 -30.43
CA GLY D 314 11.85 -22.68 -31.71
C GLY D 314 10.67 -21.72 -31.66
N LEU D 315 10.79 -20.63 -30.92
CA LEU D 315 9.76 -19.59 -30.84
C LEU D 315 9.85 -18.66 -32.01
N SER D 316 8.76 -17.99 -32.30
CA SER D 316 8.76 -16.95 -33.31
C SER D 316 8.80 -15.57 -32.67
N ILE D 317 9.43 -14.63 -33.35
CA ILE D 317 9.59 -13.28 -32.86
C ILE D 317 8.80 -12.29 -33.71
N VAL D 318 8.14 -11.36 -33.03
CA VAL D 318 7.62 -10.19 -33.74
C VAL D 318 8.23 -8.89 -33.23
N ALA D 319 8.71 -8.08 -34.14
CA ALA D 319 9.19 -6.74 -33.80
C ALA D 319 8.00 -5.79 -33.79
N GLU D 320 7.78 -5.13 -32.64
CA GLU D 320 6.71 -4.14 -32.49
C GLU D 320 7.24 -2.75 -32.79
N GLY D 321 6.34 -1.83 -33.10
CA GLY D 321 6.72 -0.44 -33.27
C GLY D 321 7.64 -0.18 -34.44
N VAL D 322 7.58 -1.02 -35.46
CA VAL D 322 8.37 -0.77 -36.67
C VAL D 322 7.83 0.49 -37.38
N GLU D 323 8.61 1.57 -37.35
CA GLU D 323 8.18 2.88 -37.81
C GLU D 323 8.83 3.35 -39.08
N THR D 324 10.04 2.89 -39.37
CA THR D 324 10.76 3.34 -40.54
C THR D 324 11.29 2.14 -41.30
N GLN D 325 11.63 2.35 -42.57
CA GLN D 325 12.14 1.26 -43.39
C GLN D 325 13.47 0.74 -42.88
N GLU D 326 14.31 1.63 -42.34
CA GLU D 326 15.61 1.19 -41.84
C GLU D 326 15.46 0.30 -40.59
N GLN D 327 14.49 0.62 -39.73
CA GLN D 327 14.17 -0.24 -38.60
C GLN D 327 13.71 -1.60 -39.08
N ALA D 328 12.90 -1.65 -40.12
CA ALA D 328 12.43 -2.93 -40.62
C ALA D 328 13.57 -3.75 -41.19
N ASP D 329 14.37 -3.13 -42.05
CA ASP D 329 15.47 -3.84 -42.70
C ASP D 329 16.37 -4.43 -41.62
N LEU D 330 16.62 -3.63 -40.60
CA LEU D 330 17.45 -4.05 -39.49
C LEU D 330 16.87 -5.27 -38.76
N MET D 331 15.55 -5.22 -38.48
CA MET D 331 14.88 -6.34 -37.84
C MET D 331 14.87 -7.60 -38.71
N ILE D 332 14.59 -7.41 -39.99
CA ILE D 332 14.59 -8.51 -40.95
C ILE D 332 15.98 -9.17 -40.99
N GLY D 333 17.02 -8.33 -41.15
CA GLY D 333 18.39 -8.81 -41.21
C GLY D 333 18.78 -9.63 -39.99
N LYS D 334 18.28 -9.24 -38.82
CA LYS D 334 18.62 -9.93 -37.56
C LYS D 334 17.83 -11.23 -37.30
N GLY D 335 16.93 -11.62 -38.21
CA GLY D 335 16.24 -12.91 -38.14
C GLY D 335 14.90 -12.88 -37.44
N VAL D 336 14.30 -11.70 -37.35
CA VAL D 336 12.97 -11.57 -36.79
C VAL D 336 11.94 -12.13 -37.77
N HIS D 337 10.90 -12.81 -37.28
CA HIS D 337 9.96 -13.54 -38.12
C HIS D 337 8.77 -12.71 -38.59
N PHE D 338 8.25 -11.85 -37.72
CA PHE D 338 7.08 -11.04 -38.03
C PHE D 338 7.35 -9.58 -37.71
N LEU D 339 6.62 -8.69 -38.37
CA LEU D 339 6.78 -7.25 -38.19
C LEU D 339 5.45 -6.60 -38.01
N GLN D 340 5.46 -5.54 -37.22
CA GLN D 340 4.25 -4.83 -36.86
C GLN D 340 4.63 -3.38 -36.56
N GLY D 341 3.81 -2.44 -37.04
CA GLY D 341 4.06 -1.02 -36.78
C GLY D 341 3.51 -0.05 -37.81
N TYR D 342 3.67 1.24 -37.47
CA TYR D 342 3.14 2.36 -38.24
C TYR D 342 3.68 2.48 -39.65
N LEU D 343 4.83 1.88 -39.89
CA LEU D 343 5.36 1.84 -41.24
C LEU D 343 4.39 1.16 -42.21
N TYR D 344 3.71 0.12 -41.74
CA TYR D 344 2.80 -0.62 -42.58
C TYR D 344 1.42 -0.09 -42.37
N SER D 345 1.00 -0.05 -41.11
CA SER D 345 -0.25 0.52 -40.76
C SER D 345 -0.38 0.67 -39.27
N PRO D 346 -0.96 1.79 -38.85
CA PRO D 346 -1.40 1.84 -37.48
C PRO D 346 -2.59 0.93 -37.27
N PRO D 347 -3.03 0.80 -36.02
CA PRO D 347 -4.26 0.11 -35.83
C PRO D 347 -5.40 0.87 -36.54
N VAL D 348 -6.40 0.16 -37.05
CA VAL D 348 -7.54 0.81 -37.75
C VAL D 348 -8.85 0.17 -37.32
N PRO D 349 -9.96 0.91 -37.45
CA PRO D 349 -11.24 0.28 -37.20
C PRO D 349 -11.43 -1.00 -38.00
N GLY D 350 -12.21 -1.92 -37.45
CA GLY D 350 -12.40 -3.24 -38.05
C GLY D 350 -12.81 -3.23 -39.50
N ASN D 351 -13.82 -2.43 -39.82
CA ASN D 351 -14.30 -2.35 -41.19
C ASN D 351 -13.17 -1.94 -42.11
N LYS D 352 -12.35 -1.00 -41.67
CA LYS D 352 -11.21 -0.57 -42.48
C LYS D 352 -10.09 -1.63 -42.52
N PHE D 353 -9.95 -2.40 -41.44
CA PHE D 353 -9.01 -3.50 -41.47
C PHE D 353 -9.43 -4.49 -42.56
N ILE D 354 -10.70 -4.84 -42.56
CA ILE D 354 -11.22 -5.80 -43.52
C ILE D 354 -11.06 -5.26 -44.95
N SER D 355 -11.50 -4.03 -45.14
CA SER D 355 -11.43 -3.40 -46.45
C SER D 355 -10.00 -3.21 -46.98
N GLU D 356 -9.07 -2.83 -46.13
CA GLU D 356 -7.69 -2.59 -46.57
C GLU D 356 -6.84 -3.86 -46.66
N TRP D 357 -6.94 -4.74 -45.67
CA TRP D 357 -6.00 -5.84 -45.56
C TRP D 357 -6.55 -7.23 -45.87
N VAL D 358 -7.86 -7.43 -45.76
CA VAL D 358 -8.45 -8.72 -46.07
C VAL D 358 -9.08 -8.77 -47.46
N MET D 359 -10.10 -7.91 -47.67
CA MET D 359 -10.96 -7.90 -48.88
C MET D 359 -10.29 -7.04 -49.96
N LYS D 360 -9.05 -7.41 -50.35
CA LYS D 360 -8.10 -6.59 -51.16
C LYS D 360 -6.80 -6.32 -50.38
#